data_6DFE
#
_entry.id   6DFE
#
_cell.length_a   80.820
_cell.length_b   92.330
_cell.length_c   94.940
_cell.angle_alpha   90.000
_cell.angle_beta   90.000
_cell.angle_gamma   90.000
#
_symmetry.space_group_name_H-M   'P 21 21 21'
#
loop_
_entity.id
_entity.type
_entity.pdbx_description
1 polymer 'ADP-heptose--LPS heptosyltransferase'
2 branched '3-deoxy-alpha-D-manno-oct-2-ulopyranosonic acid-(2-4)-3-deoxy-alpha-D-manno-oct-2-ulopyranosonic acid-(2-6)-2-acetamido-2-deoxy-4-O-phosphono-beta-D-glucopyranose-(1-6)-2-acetamido-2-deoxy-1-O-phosphono-alpha-D-glucopyranose'
3 non-polymer '[(2R,3S,4R,5R)-5-(6-amino-9H-purin-9-yl)-3,4-dihydroxytetrahydrofuran-2-yl]methyl (2R)-1-{(2S,3S,4R,5S,6R)-6-[(1S)-1,2-dihydroxyethyl]-3,4,5-trihydroxytetrahydro-2H-pyran-2-yl}propan-2-yl hydrogen (R)-phosphate (non-preferred name)'
4 water water
#
_entity_poly.entity_id   1
_entity_poly.type   'polypeptide(L)'
_entity_poly.pdbx_seq_one_letter_code
;MRVLIVKTSSMGDVLHTLPALTDAQQAIPGIKFDWVVEEGFAQIPSWHAAVERVIPVAIRRWRKAWFSAPIKAERKAFRE
ALQAKNYDAVIDAQGLVKSAALVTRLAHGVKHGMDWQTAREPLASLFYNRKHHIAKQQHAVERTRELFAKSLGYSKPQTQ
GDYAIAQHFLTNLPTDAGEYAVFLHATTRDDKHWPEEHWRELIGLLADSGIRIKLPWGAPHEEERAKRLAEGFAYVEVLP
KMSLEGVARVLAGAKFVVSVDTGLSHLTAALDRPNITVYGPTDPGLIGGYGKNQMVCRAPGNELSQLTANAVKQFIEENA
EKAAVI
;
_entity_poly.pdbx_strand_id   A,B
#
# COMPACT_ATOMS: atom_id res chain seq x y z
N MET A 1 37.54 13.74 -10.82
CA MET A 1 37.18 12.56 -9.98
C MET A 1 36.44 11.52 -10.85
N ARG A 2 36.91 10.29 -10.75
CA ARG A 2 36.45 9.18 -11.54
C ARG A 2 36.02 8.07 -10.59
N VAL A 3 34.76 7.64 -10.70
CA VAL A 3 34.15 6.66 -9.78
C VAL A 3 33.62 5.49 -10.58
N LEU A 4 33.86 4.28 -10.10
CA LEU A 4 33.26 3.06 -10.62
C LEU A 4 32.07 2.61 -9.78
N ILE A 5 30.93 2.43 -10.44
CA ILE A 5 29.70 1.98 -9.82
C ILE A 5 29.56 0.49 -10.07
N VAL A 6 29.31 -0.32 -9.02
CA VAL A 6 28.94 -1.72 -9.22
C VAL A 6 27.47 -1.87 -8.79
N LYS A 7 26.62 -2.15 -9.77
CA LYS A 7 25.18 -2.23 -9.60
C LYS A 7 24.68 -2.90 -10.88
N THR A 8 24.63 -4.24 -10.82
CA THR A 8 24.54 -5.05 -11.99
C THR A 8 23.16 -5.44 -12.40
N SER A 9 22.20 -5.41 -11.48
CA SER A 9 20.90 -6.05 -11.69
C SER A 9 20.01 -5.74 -10.51
N SER A 10 18.69 -5.90 -10.62
CA SER A 10 17.94 -6.12 -11.87
C SER A 10 17.59 -4.78 -12.53
N MET A 11 16.69 -4.78 -13.51
CA MET A 11 16.41 -3.59 -14.29
C MET A 11 16.03 -2.39 -13.42
N GLY A 12 15.08 -2.59 -12.51
CA GLY A 12 14.57 -1.52 -11.66
C GLY A 12 15.67 -1.00 -10.75
N ASP A 13 16.53 -1.90 -10.28
CA ASP A 13 17.57 -1.54 -9.33
C ASP A 13 18.65 -0.68 -10.00
N VAL A 14 18.93 -0.98 -11.26
CA VAL A 14 19.84 -0.21 -12.06
C VAL A 14 19.26 1.18 -12.23
N LEU A 15 17.97 1.25 -12.60
CA LEU A 15 17.27 2.53 -12.79
C LEU A 15 17.26 3.35 -11.51
N HIS A 16 17.01 2.69 -10.39
CA HIS A 16 16.97 3.36 -9.07
C HIS A 16 18.26 4.00 -8.63
N THR A 17 19.37 3.60 -9.21
CA THR A 17 20.66 4.18 -8.95
C THR A 17 20.88 5.54 -9.59
N LEU A 18 20.18 5.82 -10.70
CA LEU A 18 20.37 7.08 -11.46
C LEU A 18 20.27 8.41 -10.64
N PRO A 19 19.27 8.58 -9.77
CA PRO A 19 19.23 9.82 -8.99
C PRO A 19 20.48 10.08 -8.13
N ALA A 20 21.16 9.02 -7.70
CA ALA A 20 22.40 9.17 -6.92
C ALA A 20 23.52 9.81 -7.76
N LEU A 21 23.61 9.42 -9.04
CA LEU A 21 24.55 10.06 -9.96
C LEU A 21 24.26 11.53 -10.12
N THR A 22 22.99 11.86 -10.23
CA THR A 22 22.57 13.25 -10.43
C THR A 22 22.93 14.09 -9.22
N ASP A 23 22.61 13.59 -8.00
CA ASP A 23 23.09 14.24 -6.76
C ASP A 23 24.60 14.50 -6.80
N ALA A 24 25.37 13.46 -7.14
CA ALA A 24 26.84 13.57 -7.12
C ALA A 24 27.40 14.55 -8.13
N GLN A 25 26.76 14.64 -9.29
CA GLN A 25 27.16 15.57 -10.34
C GLN A 25 26.96 17.02 -9.88
N GLN A 26 25.91 17.28 -9.15
CA GLN A 26 25.62 18.61 -8.63
C GLN A 26 26.53 19.00 -7.47
N ALA A 27 26.87 18.07 -6.59
CA ALA A 27 27.78 18.36 -5.48
C ALA A 27 29.28 18.36 -5.84
N ILE A 28 29.66 17.63 -6.88
CA ILE A 28 31.08 17.46 -7.28
C ILE A 28 31.24 17.80 -8.79
N PRO A 29 31.56 19.06 -9.12
CA PRO A 29 31.58 19.41 -10.56
C PRO A 29 32.63 18.57 -11.30
N GLY A 30 32.24 18.03 -12.45
CA GLY A 30 33.13 17.25 -13.29
C GLY A 30 33.33 15.80 -12.89
N ILE A 31 32.66 15.31 -11.83
CA ILE A 31 32.70 13.88 -11.52
C ILE A 31 32.22 13.04 -12.71
N LYS A 32 32.90 11.91 -12.95
CA LYS A 32 32.49 10.94 -13.96
C LYS A 32 32.45 9.52 -13.41
N PHE A 33 31.51 8.74 -13.92
CA PHE A 33 31.25 7.40 -13.50
C PHE A 33 31.45 6.41 -14.66
N ASP A 34 32.13 5.31 -14.36
CA ASP A 34 32.01 4.08 -15.09
C ASP A 34 31.07 3.18 -14.32
N TRP A 35 30.58 2.14 -14.95
CA TRP A 35 29.51 1.37 -14.33
C TRP A 35 29.57 -0.07 -14.83
N VAL A 36 29.71 -1.01 -13.91
CA VAL A 36 29.60 -2.42 -14.17
C VAL A 36 28.15 -2.83 -14.04
N VAL A 37 27.59 -3.33 -15.14
CA VAL A 37 26.17 -3.65 -15.22
C VAL A 37 25.97 -4.93 -16.00
N GLU A 38 24.94 -5.70 -15.71
CA GLU A 38 24.64 -6.90 -16.56
C GLU A 38 24.41 -6.45 -18.00
N GLU A 39 24.88 -7.26 -18.92
CA GLU A 39 24.82 -6.92 -20.34
C GLU A 39 23.40 -6.52 -20.83
N GLY A 40 22.37 -7.17 -20.30
CA GLY A 40 21.00 -6.87 -20.72
C GLY A 40 20.52 -5.45 -20.41
N PHE A 41 21.14 -4.81 -19.43
CA PHE A 41 20.82 -3.48 -19.01
C PHE A 41 21.89 -2.46 -19.36
N ALA A 42 22.88 -2.81 -20.17
CA ALA A 42 23.98 -1.90 -20.50
C ALA A 42 23.60 -0.54 -21.08
N GLN A 43 22.47 -0.44 -21.76
CA GLN A 43 22.05 0.82 -22.37
C GLN A 43 21.65 1.88 -21.33
N ILE A 44 21.16 1.45 -20.17
CA ILE A 44 20.51 2.36 -19.23
C ILE A 44 21.49 3.40 -18.70
N PRO A 45 22.66 2.94 -18.23
CA PRO A 45 23.60 3.90 -17.73
C PRO A 45 24.05 4.92 -18.77
N SER A 46 24.09 4.53 -20.07
CA SER A 46 24.56 5.47 -21.10
C SER A 46 23.66 6.66 -21.29
N TRP A 47 22.41 6.56 -20.83
CA TRP A 47 21.49 7.66 -20.95
C TRP A 47 21.72 8.82 -19.98
N HIS A 48 22.59 8.67 -18.99
CA HIS A 48 22.80 9.71 -17.99
C HIS A 48 24.09 10.46 -18.34
N ALA A 49 24.02 11.78 -18.31
CA ALA A 49 25.12 12.65 -18.72
C ALA A 49 26.43 12.46 -17.90
N ALA A 50 26.38 11.90 -16.69
CA ALA A 50 27.63 11.71 -15.91
C ALA A 50 28.37 10.42 -16.23
N VAL A 51 27.81 9.55 -17.06
CA VAL A 51 28.37 8.22 -17.31
C VAL A 51 29.29 8.22 -18.53
N GLU A 52 30.46 7.59 -18.39
CA GLU A 52 31.34 7.34 -19.54
C GLU A 52 31.29 5.91 -20.01
N ARG A 53 32.10 5.05 -19.39
CA ARG A 53 32.35 3.69 -19.86
C ARG A 53 31.43 2.80 -19.04
N VAL A 54 30.49 2.17 -19.73
CA VAL A 54 29.77 1.03 -19.23
C VAL A 54 30.65 -0.20 -19.37
N ILE A 55 30.73 -1.03 -18.33
CA ILE A 55 31.53 -2.28 -18.35
C ILE A 55 30.60 -3.46 -18.13
N PRO A 56 30.15 -4.08 -19.24
CA PRO A 56 29.15 -5.13 -19.07
C PRO A 56 29.74 -6.36 -18.41
N VAL A 57 28.97 -6.98 -17.53
CA VAL A 57 29.21 -8.31 -17.00
C VAL A 57 28.11 -9.19 -17.45
N ALA A 58 28.39 -10.50 -17.38
CA ALA A 58 27.37 -11.48 -17.69
C ALA A 58 27.40 -12.63 -16.66
N ILE A 59 27.37 -12.26 -15.39
CA ILE A 59 27.40 -13.24 -14.27
C ILE A 59 26.34 -14.32 -14.45
N ARG A 60 25.12 -13.94 -14.78
CA ARG A 60 24.01 -14.90 -14.87
C ARG A 60 24.21 -15.91 -16.00
N ARG A 61 24.72 -15.43 -17.13
CA ARG A 61 24.98 -16.29 -18.27
C ARG A 61 26.22 -17.14 -18.04
N TRP A 62 27.24 -16.56 -17.43
CA TRP A 62 28.47 -17.28 -17.11
C TRP A 62 28.24 -18.46 -16.16
N ARG A 63 27.31 -18.35 -15.23
CA ARG A 63 27.08 -19.39 -14.20
C ARG A 63 26.66 -20.78 -14.76
N LYS A 64 26.04 -20.82 -15.94
CA LYS A 64 25.69 -22.08 -16.61
C LYS A 64 26.89 -22.96 -17.02
N ALA A 65 27.95 -22.31 -17.52
CA ALA A 65 29.17 -22.99 -17.98
C ALA A 65 30.41 -22.25 -17.43
N TRP A 66 30.47 -22.08 -16.11
CA TRP A 66 31.47 -21.16 -15.53
C TRP A 66 32.93 -21.44 -15.94
N PHE A 67 33.27 -22.72 -16.18
CA PHE A 67 34.66 -23.11 -16.51
C PHE A 67 34.94 -23.49 -17.96
N SER A 68 33.88 -23.73 -18.74
CA SER A 68 33.91 -23.68 -20.21
C SER A 68 34.92 -22.62 -20.73
N ALA A 69 35.59 -22.92 -21.83
CA ALA A 69 36.72 -22.10 -22.30
C ALA A 69 36.31 -20.72 -22.76
N PRO A 70 35.25 -20.61 -23.59
CA PRO A 70 34.79 -19.24 -23.98
C PRO A 70 34.38 -18.35 -22.79
N ILE A 71 33.81 -18.95 -21.74
CA ILE A 71 33.40 -18.27 -20.53
C ILE A 71 34.62 -17.83 -19.75
N LYS A 72 35.58 -18.73 -19.54
CA LYS A 72 36.85 -18.35 -18.88
C LYS A 72 37.55 -17.19 -19.60
N ALA A 73 37.37 -17.10 -20.92
CA ALA A 73 37.99 -16.05 -21.73
C ALA A 73 37.26 -14.72 -21.59
N GLU A 74 35.94 -14.77 -21.57
CA GLU A 74 35.11 -13.59 -21.30
C GLU A 74 35.36 -12.97 -19.92
N ARG A 75 35.49 -13.85 -18.91
CA ARG A 75 35.79 -13.48 -17.53
C ARG A 75 37.15 -12.80 -17.44
N LYS A 76 38.14 -13.42 -18.11
CA LYS A 76 39.47 -12.86 -18.20
C LYS A 76 39.44 -11.46 -18.81
N ALA A 77 38.67 -11.30 -19.88
CA ALA A 77 38.55 -10.02 -20.60
C ALA A 77 37.85 -8.98 -19.76
N PHE A 78 36.86 -9.44 -19.00
CA PHE A 78 36.12 -8.61 -18.07
C PHE A 78 37.03 -8.07 -16.95
N ARG A 79 37.78 -8.95 -16.29
CA ARG A 79 38.80 -8.52 -15.32
C ARG A 79 39.74 -7.48 -15.91
N GLU A 80 40.21 -7.70 -17.13
CA GLU A 80 41.12 -6.74 -17.77
C GLU A 80 40.49 -5.38 -18.05
N ALA A 81 39.23 -5.38 -18.48
CA ALA A 81 38.50 -4.13 -18.66
C ALA A 81 38.21 -3.46 -17.27
N LEU A 82 37.93 -4.28 -16.27
CA LEU A 82 37.69 -3.79 -14.92
C LEU A 82 38.92 -3.08 -14.34
N GLN A 83 40.08 -3.74 -14.50
CA GLN A 83 41.35 -3.27 -13.93
C GLN A 83 42.14 -2.27 -14.78
N ALA A 84 41.53 -1.71 -15.78
CA ALA A 84 42.24 -0.82 -16.70
C ALA A 84 42.48 0.58 -16.14
N LYS A 85 41.62 1.05 -15.24
CA LYS A 85 41.70 2.38 -14.62
C LYS A 85 41.86 2.25 -13.12
N ASN A 86 42.48 3.26 -12.51
CA ASN A 86 42.51 3.41 -11.07
C ASN A 86 41.40 4.40 -10.79
N TYR A 87 40.44 3.97 -9.99
CA TYR A 87 39.30 4.80 -9.64
C TYR A 87 39.50 5.53 -8.28
N ASP A 88 38.95 6.72 -8.16
CA ASP A 88 38.98 7.48 -6.92
C ASP A 88 38.07 6.86 -5.86
N ALA A 89 37.02 6.18 -6.29
CA ALA A 89 36.20 5.36 -5.40
C ALA A 89 35.50 4.30 -6.24
N VAL A 90 35.27 3.15 -5.63
CA VAL A 90 34.47 2.07 -6.22
C VAL A 90 33.28 1.94 -5.29
N ILE A 91 32.06 2.08 -5.81
CA ILE A 91 30.86 2.02 -4.99
C ILE A 91 30.05 0.82 -5.35
N ASP A 92 29.87 -0.10 -4.40
CA ASP A 92 29.07 -1.28 -4.62
C ASP A 92 27.69 -0.97 -4.03
N ALA A 93 26.76 -0.65 -4.93
CA ALA A 93 25.41 -0.38 -4.54
C ALA A 93 24.54 -1.62 -4.58
N GLN A 94 25.11 -2.79 -4.87
CA GLN A 94 24.32 -4.00 -4.99
C GLN A 94 24.25 -4.77 -3.63
N GLY A 95 25.40 -4.97 -2.98
CA GLY A 95 25.42 -5.60 -1.67
C GLY A 95 25.21 -7.12 -1.65
N LEU A 96 25.61 -7.80 -2.72
CA LEU A 96 25.53 -9.26 -2.81
C LEU A 96 26.95 -9.75 -2.83
N VAL A 97 27.14 -11.00 -2.45
CA VAL A 97 28.46 -11.63 -2.51
C VAL A 97 28.92 -11.75 -3.94
N LYS A 98 28.02 -12.00 -4.89
CA LYS A 98 28.38 -12.09 -6.32
C LYS A 98 29.01 -10.76 -6.80
N SER A 99 28.33 -9.66 -6.52
CA SER A 99 28.82 -8.33 -6.84
C SER A 99 30.12 -8.01 -6.08
N ALA A 100 30.19 -8.36 -4.82
CA ALA A 100 31.33 -7.95 -3.95
C ALA A 100 32.60 -8.73 -4.25
N ALA A 101 32.43 -10.02 -4.48
CA ALA A 101 33.55 -10.92 -4.64
C ALA A 101 33.99 -11.05 -6.10
N LEU A 102 33.03 -11.13 -7.04
CA LEU A 102 33.36 -11.30 -8.46
C LEU A 102 33.75 -9.99 -9.14
N VAL A 103 33.38 -8.81 -8.58
CA VAL A 103 33.60 -7.52 -9.22
C VAL A 103 34.34 -6.52 -8.34
N THR A 104 33.71 -6.12 -7.24
CA THR A 104 34.25 -5.05 -6.40
C THR A 104 35.62 -5.34 -5.89
N ARG A 105 35.85 -6.53 -5.38
CA ARG A 105 37.19 -6.96 -4.88
C ARG A 105 38.33 -6.82 -5.88
N LEU A 106 38.01 -6.97 -7.16
CA LEU A 106 39.03 -6.92 -8.20
C LEU A 106 39.35 -5.53 -8.72
N ALA A 107 38.53 -4.54 -8.42
CA ALA A 107 38.76 -3.20 -9.02
C ALA A 107 39.84 -2.43 -8.27
N HIS A 108 40.45 -1.43 -8.90
CA HIS A 108 41.48 -0.61 -8.25
C HIS A 108 40.83 0.69 -7.78
N GLY A 109 41.07 1.02 -6.50
CA GLY A 109 40.47 2.15 -5.82
C GLY A 109 39.84 1.69 -4.52
N VAL A 110 39.56 2.68 -3.68
CA VAL A 110 38.93 2.45 -2.37
C VAL A 110 37.50 1.97 -2.59
N LYS A 111 37.11 0.92 -1.89
CA LYS A 111 35.90 0.18 -2.12
C LYS A 111 34.91 0.48 -1.04
N HIS A 112 33.80 1.07 -1.45
CA HIS A 112 32.72 1.43 -0.57
C HIS A 112 31.50 0.50 -0.78
N GLY A 113 30.80 0.20 0.30
CA GLY A 113 29.56 -0.52 0.22
C GLY A 113 28.88 -0.60 1.57
N MET A 114 27.77 -1.31 1.62
CA MET A 114 26.97 -1.41 2.84
C MET A 114 27.58 -2.33 3.90
N ASP A 115 27.39 -1.97 5.17
CA ASP A 115 27.91 -2.80 6.28
C ASP A 115 27.13 -4.11 6.48
N TRP A 116 27.65 -4.97 7.37
CA TRP A 116 27.06 -6.25 7.73
C TRP A 116 25.53 -6.21 7.94
N GLN A 117 25.07 -5.20 8.67
CA GLN A 117 23.67 -5.00 9.01
C GLN A 117 22.77 -4.49 7.96
N THR A 118 23.28 -3.75 6.97
CA THR A 118 22.41 -3.19 5.94
C THR A 118 22.59 -3.75 4.53
N ALA A 119 23.60 -4.56 4.30
CA ALA A 119 23.77 -5.19 2.97
C ALA A 119 22.79 -6.33 2.73
N ARG A 120 22.45 -6.61 1.49
CA ARG A 120 21.45 -7.59 1.18
C ARG A 120 21.94 -8.96 1.59
N GLU A 121 23.21 -9.23 1.33
CA GLU A 121 23.92 -10.40 1.84
C GLU A 121 25.04 -9.87 2.76
N PRO A 122 24.89 -10.03 4.10
CA PRO A 122 25.86 -9.47 5.04
C PRO A 122 27.33 -9.79 4.77
N LEU A 123 27.60 -10.96 4.26
CA LEU A 123 29.00 -11.32 3.98
C LEU A 123 29.66 -10.46 2.90
N ALA A 124 28.87 -9.82 2.05
CA ALA A 124 29.40 -8.86 1.07
C ALA A 124 30.22 -7.78 1.74
N SER A 125 29.87 -7.40 2.96
CA SER A 125 30.56 -6.35 3.68
C SER A 125 32.03 -6.63 4.00
N LEU A 126 32.41 -7.89 3.98
CA LEU A 126 33.79 -8.24 4.26
C LEU A 126 34.73 -7.80 3.15
N PHE A 127 34.19 -7.44 1.99
CA PHE A 127 34.98 -7.16 0.81
C PHE A 127 35.24 -5.69 0.59
N TYR A 128 34.69 -4.86 1.47
CA TYR A 128 34.82 -3.42 1.30
C TYR A 128 35.90 -2.84 2.21
N ASN A 129 36.48 -1.71 1.80
CA ASN A 129 37.39 -0.96 2.63
C ASN A 129 36.61 -0.04 3.54
N ARG A 130 35.51 0.56 3.02
CA ARG A 130 34.67 1.50 3.74
C ARG A 130 33.27 0.97 3.75
N LYS A 131 32.78 0.69 4.95
CA LYS A 131 31.45 0.19 5.20
C LYS A 131 30.56 1.34 5.59
N HIS A 132 29.33 1.39 5.07
CA HIS A 132 28.41 2.45 5.40
C HIS A 132 27.11 1.82 5.83
N HIS A 133 26.47 2.45 6.82
CA HIS A 133 25.24 1.94 7.39
C HIS A 133 24.12 2.63 6.66
N ILE A 134 23.40 1.91 5.82
CA ILE A 134 22.35 2.52 5.01
C ILE A 134 21.02 1.88 5.39
N ALA A 135 20.19 2.54 6.19
CA ALA A 135 19.01 1.85 6.82
C ALA A 135 18.18 1.19 5.75
N LYS A 136 17.76 -0.04 6.03
CA LYS A 136 17.05 -0.88 5.07
C LYS A 136 15.66 -0.36 4.66
N GLN A 137 14.99 0.35 5.56
CA GLN A 137 13.58 0.63 5.37
C GLN A 137 13.34 2.04 4.88
N GLN A 138 13.72 2.23 3.63
CA GLN A 138 13.51 3.48 2.84
C GLN A 138 13.46 2.97 1.45
N HIS A 139 13.03 3.84 0.53
CA HIS A 139 12.95 3.47 -0.87
C HIS A 139 14.36 3.22 -1.42
N ALA A 140 14.50 2.24 -2.30
CA ALA A 140 15.77 1.95 -2.96
C ALA A 140 16.50 3.19 -3.51
N VAL A 141 15.74 4.14 -4.03
CA VAL A 141 16.33 5.37 -4.57
C VAL A 141 17.05 6.12 -3.47
N GLU A 142 16.45 6.20 -2.31
CA GLU A 142 16.98 6.99 -1.23
C GLU A 142 18.17 6.30 -0.64
N ARG A 143 18.13 4.97 -0.57
CA ARG A 143 19.23 4.20 0.01
C ARG A 143 20.54 4.44 -0.79
N THR A 144 20.43 4.32 -2.11
CA THR A 144 21.57 4.49 -3.00
C THR A 144 22.09 5.94 -2.97
N ARG A 145 21.18 6.90 -2.94
CA ARG A 145 21.58 8.29 -2.77
C ARG A 145 22.34 8.47 -1.48
N GLU A 146 21.89 7.81 -0.42
CA GLU A 146 22.58 7.94 0.86
C GLU A 146 23.97 7.30 0.75
N LEU A 147 24.08 6.15 0.07
CA LEU A 147 25.34 5.46 -0.03
C LEU A 147 26.33 6.32 -0.80
N PHE A 148 25.88 6.94 -1.90
CA PHE A 148 26.73 7.80 -2.71
C PHE A 148 27.18 9.03 -1.92
N ALA A 149 26.28 9.63 -1.17
CA ALA A 149 26.57 10.83 -0.40
C ALA A 149 27.62 10.59 0.69
N LYS A 150 27.42 9.50 1.42
CA LYS A 150 28.39 9.05 2.41
C LYS A 150 29.71 8.60 1.83
N SER A 151 29.68 7.96 0.66
CA SER A 151 30.94 7.45 0.04
C SER A 151 31.82 8.57 -0.49
N LEU A 152 31.22 9.54 -1.14
CA LEU A 152 31.91 10.65 -1.79
C LEU A 152 31.99 11.94 -0.99
N GLY A 153 31.49 11.96 0.25
CA GLY A 153 31.63 13.12 1.12
C GLY A 153 30.83 14.39 0.81
N TYR A 154 29.54 14.25 0.55
CA TYR A 154 28.66 15.38 0.46
C TYR A 154 27.35 15.08 1.14
N SER A 155 26.59 16.12 1.46
CA SER A 155 25.34 15.92 2.19
C SER A 155 24.23 15.58 1.20
N LYS A 156 23.38 14.65 1.64
CA LYS A 156 22.40 14.06 0.83
C LYS A 156 21.37 15.13 0.66
N PRO A 157 21.08 15.52 -0.58
CA PRO A 157 20.04 16.58 -0.70
C PRO A 157 18.64 16.09 -0.27
N GLN A 158 17.84 17.06 0.15
CA GLN A 158 16.46 16.79 0.63
C GLN A 158 15.44 16.76 -0.51
N THR A 159 15.80 17.31 -1.66
CA THR A 159 14.94 17.34 -2.86
C THR A 159 14.60 15.94 -3.38
N GLN A 160 13.55 15.86 -4.19
CA GLN A 160 13.14 14.61 -4.78
C GLN A 160 14.24 14.17 -5.75
N GLY A 161 14.50 12.86 -5.80
CA GLY A 161 15.49 12.31 -6.69
C GLY A 161 15.17 12.57 -8.15
N ASP A 162 16.19 12.89 -8.91
CA ASP A 162 16.04 13.14 -10.33
C ASP A 162 16.88 12.14 -11.14
N TYR A 163 16.18 11.31 -11.91
CA TYR A 163 16.84 10.31 -12.76
C TYR A 163 17.67 10.93 -13.87
N ALA A 164 17.21 12.09 -14.34
CA ALA A 164 17.92 12.82 -15.40
C ALA A 164 18.21 11.98 -16.63
N ILE A 165 17.26 11.16 -17.05
CA ILE A 165 17.37 10.47 -18.34
C ILE A 165 16.40 10.92 -19.45
N ALA A 166 15.30 11.55 -19.09
CA ALA A 166 14.31 11.96 -20.10
C ALA A 166 14.91 12.94 -21.16
N GLN A 167 15.85 13.82 -20.73
CA GLN A 167 16.54 14.72 -21.68
C GLN A 167 17.25 13.99 -22.87
N HIS A 168 17.82 12.81 -22.60
CA HIS A 168 18.41 11.96 -23.63
C HIS A 168 17.36 11.61 -24.68
N PHE A 169 16.12 11.44 -24.26
CA PHE A 169 15.05 11.11 -25.21
C PHE A 169 14.35 12.32 -25.88
N LEU A 170 14.51 13.52 -25.32
CA LEU A 170 13.96 14.76 -25.88
C LEU A 170 14.18 14.88 -27.43
N THR A 171 15.35 14.47 -27.90
CA THR A 171 15.75 14.58 -29.32
C THR A 171 15.20 13.47 -30.23
N ASN A 172 14.54 12.48 -29.67
CA ASN A 172 14.14 11.27 -30.41
C ASN A 172 12.69 10.87 -30.16
N LEU A 173 11.88 11.80 -29.63
CA LEU A 173 10.52 11.50 -29.30
C LEU A 173 9.78 10.99 -30.54
N PRO A 174 9.02 9.90 -30.42
CA PRO A 174 8.22 9.52 -31.59
C PRO A 174 7.32 10.67 -32.11
N THR A 175 7.11 10.64 -33.43
CA THR A 175 6.25 11.57 -34.13
C THR A 175 4.85 11.68 -33.49
N ASP A 176 4.29 10.50 -33.12
CA ASP A 176 2.95 10.42 -32.50
C ASP A 176 2.95 10.58 -30.96
N ALA A 177 4.02 11.15 -30.41
CA ALA A 177 4.11 11.46 -28.99
C ALA A 177 2.82 12.13 -28.56
N GLY A 178 2.22 11.60 -27.50
CA GLY A 178 1.05 12.23 -26.91
C GLY A 178 -0.27 11.65 -27.33
N GLU A 179 -0.28 10.90 -28.42
CA GLU A 179 -1.51 10.38 -28.99
C GLU A 179 -1.80 8.96 -28.54
N TYR A 180 -0.91 8.35 -27.72
CA TYR A 180 -1.10 6.96 -27.27
C TYR A 180 -0.80 6.76 -25.80
N ALA A 181 -1.37 5.70 -25.26
CA ALA A 181 -0.97 5.14 -23.98
C ALA A 181 -0.20 3.85 -24.23
N VAL A 182 0.61 3.44 -23.25
CA VAL A 182 1.30 2.16 -23.33
C VAL A 182 0.81 1.28 -22.20
N PHE A 183 0.49 0.02 -22.50
CA PHE A 183 0.05 -0.95 -21.48
C PHE A 183 1.15 -2.00 -21.28
N LEU A 184 1.64 -2.08 -20.05
CA LEU A 184 2.75 -2.99 -19.72
C LEU A 184 2.11 -4.12 -18.95
N HIS A 185 2.03 -5.28 -19.59
CA HIS A 185 1.27 -6.44 -19.09
C HIS A 185 2.16 -7.56 -18.58
N ALA A 186 3.37 -7.62 -19.12
CA ALA A 186 4.36 -8.62 -18.81
C ALA A 186 5.09 -8.39 -17.47
N THR A 187 5.09 -9.42 -16.63
CA THR A 187 5.83 -9.42 -15.38
C THR A 187 6.35 -10.84 -15.08
N THR A 188 6.55 -11.15 -13.80
CA THR A 188 7.57 -12.11 -13.36
C THR A 188 7.00 -13.45 -12.79
N ARG A 189 5.70 -13.47 -12.46
CA ARG A 189 5.09 -14.38 -11.50
C ARG A 189 3.59 -14.28 -11.75
N ASP A 190 2.89 -15.39 -11.94
CA ASP A 190 1.45 -15.37 -12.29
C ASP A 190 0.61 -14.38 -11.49
N ASP A 191 0.73 -14.44 -10.16
CA ASP A 191 -0.13 -13.64 -9.27
C ASP A 191 0.08 -12.10 -9.34
N LYS A 192 1.14 -11.67 -10.02
CA LYS A 192 1.41 -10.24 -10.29
C LYS A 192 0.81 -9.72 -11.62
N HIS A 193 0.30 -10.63 -12.46
CA HIS A 193 -0.37 -10.27 -13.70
C HIS A 193 -1.80 -9.84 -13.42
N TRP A 194 -2.26 -8.82 -14.17
CA TRP A 194 -3.67 -8.47 -14.15
C TRP A 194 -4.26 -9.46 -15.13
N PRO A 195 -5.31 -10.22 -14.71
CA PRO A 195 -5.88 -11.19 -15.66
C PRO A 195 -6.27 -10.56 -17.02
N GLU A 196 -5.99 -11.31 -18.07
CA GLU A 196 -6.28 -10.91 -19.47
C GLU A 196 -7.68 -10.34 -19.73
N GLU A 197 -8.72 -10.94 -19.16
CA GLU A 197 -10.07 -10.42 -19.35
C GLU A 197 -10.18 -8.98 -18.83
N HIS A 198 -9.51 -8.65 -17.73
CA HIS A 198 -9.60 -7.29 -17.18
C HIS A 198 -8.88 -6.24 -18.06
N TRP A 199 -7.70 -6.55 -18.60
CA TRP A 199 -7.03 -5.72 -19.61
C TRP A 199 -7.95 -5.42 -20.79
N ARG A 200 -8.55 -6.46 -21.35
CA ARG A 200 -9.40 -6.34 -22.54
C ARG A 200 -10.65 -5.51 -22.26
N GLU A 201 -11.21 -5.63 -21.05
CA GLU A 201 -12.33 -4.77 -20.65
C GLU A 201 -11.89 -3.32 -20.53
N LEU A 202 -10.69 -3.10 -19.97
CA LEU A 202 -10.13 -1.74 -19.91
C LEU A 202 -9.96 -1.16 -21.30
N ILE A 203 -9.25 -1.88 -22.15
CA ILE A 203 -9.11 -1.47 -23.54
C ILE A 203 -10.46 -1.11 -24.13
N GLY A 204 -11.47 -1.97 -23.89
CA GLY A 204 -12.87 -1.81 -24.36
C GLY A 204 -13.50 -0.50 -23.88
N LEU A 205 -13.34 -0.21 -22.61
CA LEU A 205 -13.83 1.04 -22.06
C LEU A 205 -13.18 2.34 -22.65
N LEU A 206 -12.12 2.22 -23.45
CA LEU A 206 -11.42 3.35 -24.08
C LEU A 206 -11.64 3.46 -25.58
N ALA A 207 -12.48 2.57 -26.11
CA ALA A 207 -13.05 2.75 -27.44
C ALA A 207 -13.60 4.17 -27.64
N ASP A 208 -14.41 4.66 -26.71
CA ASP A 208 -15.12 5.94 -26.86
C ASP A 208 -14.25 7.23 -26.86
N SER A 209 -13.04 7.13 -26.29
CA SER A 209 -12.05 8.23 -26.31
C SER A 209 -11.36 8.44 -27.68
N GLY A 210 -11.08 7.36 -28.41
CA GLY A 210 -10.27 7.41 -29.64
C GLY A 210 -8.77 7.39 -29.38
N ILE A 211 -8.37 7.15 -28.14
CA ILE A 211 -6.98 6.97 -27.79
C ILE A 211 -6.42 5.73 -28.49
N ARG A 212 -5.11 5.75 -28.73
CA ARG A 212 -4.37 4.59 -29.23
C ARG A 212 -3.55 3.96 -28.08
N ILE A 213 -3.36 2.65 -28.17
CA ILE A 213 -2.73 1.86 -27.12
C ILE A 213 -1.66 0.96 -27.74
N LYS A 214 -0.46 0.97 -27.15
CA LYS A 214 0.65 0.16 -27.65
C LYS A 214 1.13 -0.83 -26.60
N LEU A 215 1.49 -2.02 -27.08
CA LEU A 215 1.73 -3.15 -26.22
C LEU A 215 3.10 -3.68 -26.56
N PRO A 216 4.08 -3.57 -25.62
CA PRO A 216 5.39 -4.16 -25.87
C PRO A 216 5.49 -5.61 -25.41
N TRP A 217 6.55 -6.26 -25.90
CA TRP A 217 6.84 -7.61 -25.51
C TRP A 217 8.31 -7.90 -25.71
N GLY A 218 8.87 -8.77 -24.87
CA GLY A 218 10.29 -9.16 -24.99
C GLY A 218 10.60 -10.63 -24.96
N ALA A 219 9.58 -11.47 -25.08
CA ALA A 219 9.76 -12.92 -25.19
C ALA A 219 8.49 -13.51 -25.81
N PRO A 220 8.61 -14.67 -26.48
CA PRO A 220 7.49 -15.33 -27.15
C PRO A 220 6.15 -15.36 -26.39
N HIS A 221 6.15 -15.85 -25.15
CA HIS A 221 4.90 -15.93 -24.41
C HIS A 221 4.28 -14.55 -24.18
N GLU A 222 5.11 -13.51 -24.06
CA GLU A 222 4.63 -12.12 -23.92
C GLU A 222 4.00 -11.57 -25.21
N GLU A 223 4.65 -11.85 -26.35
CA GLU A 223 4.09 -11.56 -27.69
C GLU A 223 2.69 -12.13 -27.85
N GLU A 224 2.53 -13.39 -27.47
CA GLU A 224 1.24 -14.08 -27.62
C GLU A 224 0.17 -13.46 -26.73
N ARG A 225 0.52 -13.13 -25.48
CA ARG A 225 -0.42 -12.42 -24.61
C ARG A 225 -0.78 -11.04 -25.22
N ALA A 226 0.22 -10.30 -25.70
CA ALA A 226 -0.03 -9.01 -26.38
C ALA A 226 -1.06 -9.15 -27.52
N LYS A 227 -0.89 -10.20 -28.34
CA LYS A 227 -1.83 -10.51 -29.44
C LYS A 227 -3.26 -10.82 -28.96
N ARG A 228 -3.41 -11.59 -27.89
CA ARG A 228 -4.74 -11.86 -27.31
C ARG A 228 -5.41 -10.58 -26.79
N LEU A 229 -4.61 -9.67 -26.22
CA LEU A 229 -5.15 -8.40 -25.74
C LEU A 229 -5.61 -7.50 -26.89
N ALA A 230 -4.89 -7.50 -28.00
CA ALA A 230 -5.13 -6.56 -29.10
C ALA A 230 -6.18 -7.06 -30.10
N GLU A 231 -6.30 -8.38 -30.20
CA GLU A 231 -7.36 -9.10 -30.96
C GLU A 231 -8.73 -8.39 -30.94
N GLY A 232 -9.11 -7.83 -32.09
CA GLY A 232 -10.44 -7.23 -32.28
C GLY A 232 -10.51 -5.72 -32.07
N PHE A 233 -9.43 -5.11 -31.56
CA PHE A 233 -9.35 -3.68 -31.25
C PHE A 233 -8.35 -3.00 -32.20
N ALA A 234 -8.85 -2.32 -33.22
CA ALA A 234 -8.00 -1.70 -34.23
C ALA A 234 -7.16 -0.51 -33.71
N TYR A 235 -7.58 0.06 -32.59
CA TYR A 235 -6.82 1.12 -31.92
C TYR A 235 -5.64 0.61 -31.03
N VAL A 236 -5.51 -0.71 -30.84
CA VAL A 236 -4.38 -1.36 -30.14
C VAL A 236 -3.37 -1.90 -31.11
N GLU A 237 -2.11 -1.53 -30.92
CA GLU A 237 -1.00 -1.94 -31.76
C GLU A 237 -0.06 -2.83 -30.92
N VAL A 238 0.34 -3.97 -31.48
CA VAL A 238 1.40 -4.77 -30.91
C VAL A 238 2.70 -4.28 -31.53
N LEU A 239 3.61 -3.77 -30.70
CA LEU A 239 4.91 -3.32 -31.16
C LEU A 239 5.73 -4.47 -31.68
N PRO A 240 6.60 -4.21 -32.67
CA PRO A 240 7.64 -5.19 -33.00
C PRO A 240 8.68 -5.28 -31.87
N LYS A 241 9.47 -6.36 -31.89
CA LYS A 241 10.58 -6.51 -30.95
C LYS A 241 11.51 -5.32 -31.11
N MET A 242 11.91 -4.71 -30.00
CA MET A 242 12.92 -3.64 -30.07
C MET A 242 13.92 -3.77 -28.96
N SER A 243 14.95 -2.93 -29.03
CA SER A 243 15.94 -2.81 -27.99
C SER A 243 15.36 -2.08 -26.81
N LEU A 244 16.07 -2.17 -25.70
CA LEU A 244 15.66 -1.50 -24.49
C LEU A 244 15.53 0.00 -24.76
N GLU A 245 16.48 0.55 -25.53
CA GLU A 245 16.42 1.95 -25.87
C GLU A 245 15.16 2.27 -26.69
N GLY A 246 14.84 1.45 -27.68
CA GLY A 246 13.60 1.59 -28.47
C GLY A 246 12.32 1.67 -27.62
N VAL A 247 12.17 0.70 -26.71
CA VAL A 247 10.99 0.67 -25.86
C VAL A 247 10.99 1.88 -24.92
N ALA A 248 12.14 2.35 -24.52
CA ALA A 248 12.20 3.58 -23.73
C ALA A 248 11.71 4.79 -24.55
N ARG A 249 12.09 4.86 -25.81
CA ARG A 249 11.59 5.93 -26.69
C ARG A 249 10.08 5.86 -26.75
N VAL A 250 9.54 4.67 -26.91
CA VAL A 250 8.09 4.55 -26.97
C VAL A 250 7.46 5.08 -25.67
N LEU A 251 8.00 4.66 -24.53
CA LEU A 251 7.44 5.08 -23.24
C LEU A 251 7.57 6.59 -23.06
N ALA A 252 8.68 7.15 -23.52
CA ALA A 252 8.90 8.61 -23.44
C ALA A 252 7.85 9.45 -24.18
N GLY A 253 7.29 8.89 -25.25
CA GLY A 253 6.20 9.53 -25.98
C GLY A 253 4.77 9.25 -25.52
N ALA A 254 4.58 8.35 -24.55
CA ALA A 254 3.26 7.99 -24.06
C ALA A 254 2.61 9.11 -23.23
N LYS A 255 1.33 9.38 -23.48
CA LYS A 255 0.64 10.32 -22.62
C LYS A 255 0.59 9.74 -21.20
N PHE A 256 0.23 8.47 -21.10
CA PHE A 256 0.25 7.77 -19.83
C PHE A 256 0.47 6.27 -20.05
N VAL A 257 0.72 5.57 -18.96
CA VAL A 257 1.02 4.15 -18.99
C VAL A 257 0.17 3.56 -17.90
N VAL A 258 -0.29 2.32 -18.16
CA VAL A 258 -0.91 1.42 -17.17
C VAL A 258 -0.04 0.16 -17.15
N SER A 259 0.30 -0.29 -15.95
CA SER A 259 1.36 -1.27 -15.81
C SER A 259 1.11 -2.16 -14.64
N VAL A 260 1.60 -3.38 -14.75
CA VAL A 260 1.78 -4.25 -13.59
C VAL A 260 3.15 -3.92 -13.00
N ASP A 261 3.44 -4.50 -11.84
CA ASP A 261 4.74 -4.34 -11.16
C ASP A 261 5.80 -5.12 -11.92
N THR A 262 6.70 -4.38 -12.59
CA THR A 262 7.59 -4.97 -13.58
C THR A 262 8.68 -3.94 -13.90
N GLY A 263 9.78 -4.45 -14.44
CA GLY A 263 10.91 -3.66 -14.81
C GLY A 263 10.57 -2.41 -15.59
N LEU A 264 9.73 -2.56 -16.62
CA LEU A 264 9.46 -1.47 -17.54
C LEU A 264 8.55 -0.41 -16.89
N SER A 265 7.80 -0.78 -15.84
CA SER A 265 7.12 0.20 -15.03
C SER A 265 8.11 1.15 -14.34
N HIS A 266 9.21 0.60 -13.82
CA HIS A 266 10.28 1.42 -13.21
C HIS A 266 10.99 2.31 -14.26
N LEU A 267 11.16 1.77 -15.46
CA LEU A 267 11.62 2.60 -16.59
C LEU A 267 10.65 3.76 -16.89
N THR A 268 9.34 3.49 -16.77
CA THR A 268 8.33 4.51 -16.99
C THR A 268 8.50 5.60 -15.96
N ALA A 269 8.69 5.19 -14.72
CA ALA A 269 8.94 6.09 -13.60
C ALA A 269 10.21 6.91 -13.85
N ALA A 270 11.28 6.26 -14.30
CA ALA A 270 12.53 6.95 -14.55
C ALA A 270 12.39 8.02 -15.62
N LEU A 271 11.48 7.82 -16.57
CA LEU A 271 11.19 8.80 -17.61
C LEU A 271 10.11 9.81 -17.24
N ASP A 272 9.65 9.84 -15.98
CA ASP A 272 8.61 10.80 -15.51
C ASP A 272 7.26 10.75 -16.24
N ARG A 273 6.88 9.58 -16.75
CA ARG A 273 5.62 9.48 -17.45
C ARG A 273 4.55 9.17 -16.44
N PRO A 274 3.38 9.80 -16.56
CA PRO A 274 2.23 9.34 -15.77
C PRO A 274 1.97 7.83 -15.96
N ASN A 275 1.80 7.13 -14.86
CA ASN A 275 1.83 5.66 -14.78
C ASN A 275 0.88 5.24 -13.67
N ILE A 276 -0.06 4.38 -14.01
CA ILE A 276 -0.96 3.76 -13.02
C ILE A 276 -0.43 2.33 -12.92
N THR A 277 0.13 1.95 -11.77
CA THR A 277 0.62 0.59 -11.56
C THR A 277 -0.43 -0.17 -10.74
N VAL A 278 -0.76 -1.36 -11.21
CA VAL A 278 -1.70 -2.21 -10.49
C VAL A 278 -0.96 -3.27 -9.63
N TYR A 279 -1.20 -3.21 -8.33
CA TYR A 279 -0.54 -4.11 -7.38
C TYR A 279 -1.53 -5.06 -6.71
N GLY A 280 -1.18 -6.34 -6.65
CA GLY A 280 -1.86 -7.27 -5.74
C GLY A 280 -0.93 -7.73 -4.61
N PRO A 281 -0.20 -8.84 -4.85
CA PRO A 281 0.60 -9.46 -3.83
C PRO A 281 1.90 -8.76 -3.50
N THR A 282 2.33 -7.77 -4.29
CA THR A 282 3.52 -6.97 -3.92
C THR A 282 3.10 -5.63 -3.30
N ASP A 283 3.92 -5.15 -2.36
CA ASP A 283 3.68 -3.93 -1.61
C ASP A 283 4.31 -2.73 -2.34
N PRO A 284 3.49 -1.74 -2.73
CA PRO A 284 4.07 -0.53 -3.31
C PRO A 284 4.89 0.34 -2.32
N GLY A 285 4.83 0.06 -1.02
CA GLY A 285 5.84 0.58 -0.03
C GLY A 285 7.27 1.02 -0.44
N LEU A 286 8.18 0.05 -0.63
CA LEU A 286 9.63 0.32 -0.91
C LEU A 286 10.08 0.16 -2.36
N ILE A 287 9.49 -0.81 -3.06
CA ILE A 287 9.74 -1.06 -4.48
C ILE A 287 8.47 -0.77 -5.31
N GLY A 288 7.63 0.14 -4.82
CA GLY A 288 6.84 1.00 -5.70
C GLY A 288 7.69 1.89 -6.54
N GLY A 289 7.06 2.53 -7.53
CA GLY A 289 7.76 3.42 -8.44
C GLY A 289 8.00 4.74 -7.72
N TYR A 290 9.12 5.36 -8.06
CA TYR A 290 9.57 6.63 -7.45
C TYR A 290 9.72 7.58 -8.61
N GLY A 291 9.06 8.73 -8.52
CA GLY A 291 9.05 9.69 -9.63
C GLY A 291 7.82 10.59 -9.57
N LYS A 292 7.67 11.36 -10.66
CA LYS A 292 6.52 12.22 -10.87
C LYS A 292 5.40 11.40 -11.54
N ASN A 293 4.21 11.58 -10.98
CA ASN A 293 2.99 11.06 -11.52
C ASN A 293 2.97 9.53 -11.53
N GLN A 294 3.52 8.91 -10.48
CA GLN A 294 3.43 7.45 -10.33
C GLN A 294 2.28 7.19 -9.41
N MET A 295 1.24 6.56 -9.94
CA MET A 295 0.01 6.39 -9.19
C MET A 295 -0.15 4.90 -8.89
N VAL A 296 -0.74 4.63 -7.74
CA VAL A 296 -0.74 3.32 -7.12
C VAL A 296 -2.19 2.89 -7.05
N CYS A 297 -2.51 1.76 -7.70
CA CYS A 297 -3.86 1.20 -7.66
C CYS A 297 -3.80 -0.17 -7.00
N ARG A 298 -4.35 -0.24 -5.78
CA ARG A 298 -4.31 -1.42 -4.91
C ARG A 298 -5.49 -2.34 -5.18
N ALA A 299 -5.22 -3.58 -5.57
CA ALA A 299 -6.31 -4.51 -5.86
C ALA A 299 -7.01 -4.89 -4.55
N PRO A 300 -8.35 -4.93 -4.53
CA PRO A 300 -9.04 -5.42 -3.32
C PRO A 300 -8.53 -6.80 -2.84
N GLY A 301 -8.39 -6.93 -1.52
CA GLY A 301 -7.81 -8.12 -0.89
C GLY A 301 -6.43 -8.52 -1.35
N ASN A 302 -5.68 -7.58 -1.94
CA ASN A 302 -4.38 -7.84 -2.63
C ASN A 302 -4.44 -8.91 -3.74
N GLU A 303 -5.59 -9.05 -4.41
CA GLU A 303 -5.75 -10.07 -5.46
C GLU A 303 -6.19 -9.36 -6.73
N LEU A 304 -5.40 -9.54 -7.78
CA LEU A 304 -5.60 -8.76 -9.00
C LEU A 304 -6.89 -9.09 -9.74
N SER A 305 -7.29 -10.36 -9.66
CA SER A 305 -8.60 -10.81 -10.19
C SER A 305 -9.79 -10.02 -9.66
N GLN A 306 -9.66 -9.48 -8.44
CA GLN A 306 -10.73 -8.66 -7.83
C GLN A 306 -10.75 -7.20 -8.28
N LEU A 307 -9.71 -6.73 -8.97
CA LEU A 307 -9.63 -5.32 -9.44
C LEU A 307 -10.23 -5.22 -10.85
N THR A 308 -11.34 -4.49 -10.94
CA THR A 308 -12.08 -4.41 -12.21
C THR A 308 -11.51 -3.33 -13.11
N ALA A 309 -11.77 -3.48 -14.40
CA ALA A 309 -11.40 -2.50 -15.39
C ALA A 309 -12.08 -1.15 -15.12
N ASN A 310 -13.35 -1.20 -14.74
CA ASN A 310 -14.09 -0.01 -14.33
C ASN A 310 -13.41 0.75 -13.21
N ALA A 311 -12.91 0.03 -12.21
CA ALA A 311 -12.28 0.67 -11.07
C ALA A 311 -10.99 1.41 -11.51
N VAL A 312 -10.27 0.80 -12.47
CA VAL A 312 -9.03 1.37 -13.02
C VAL A 312 -9.33 2.61 -13.88
N LYS A 313 -10.33 2.50 -14.76
CA LYS A 313 -10.75 3.64 -15.57
C LYS A 313 -11.16 4.79 -14.66
N GLN A 314 -11.96 4.51 -13.65
CA GLN A 314 -12.38 5.53 -12.70
C GLN A 314 -11.20 6.15 -11.94
N PHE A 315 -10.21 5.32 -11.60
CA PHE A 315 -8.98 5.78 -10.95
C PHE A 315 -8.24 6.75 -11.88
N ILE A 316 -8.13 6.40 -13.16
CA ILE A 316 -7.57 7.32 -14.19
C ILE A 316 -8.33 8.65 -14.27
N GLU A 317 -9.66 8.56 -14.32
CA GLU A 317 -10.53 9.74 -14.33
C GLU A 317 -10.36 10.60 -13.09
N GLU A 318 -10.51 10.02 -11.91
CA GLU A 318 -10.25 10.74 -10.62
C GLU A 318 -8.87 11.39 -10.54
N ASN A 319 -7.85 10.78 -11.13
CA ASN A 319 -6.51 11.34 -11.06
C ASN A 319 -6.31 12.49 -12.06
N ALA A 320 -6.83 12.35 -13.29
CA ALA A 320 -6.81 13.49 -14.22
C ALA A 320 -7.49 14.75 -13.63
N GLU A 321 -8.65 14.55 -13.00
CA GLU A 321 -9.35 15.57 -12.18
C GLU A 321 -8.41 16.19 -11.08
N LYS A 322 -7.44 17.03 -11.51
CA LYS A 322 -6.31 17.53 -10.68
C LYS A 322 -6.40 19.06 -10.59
N MET B 1 8.09 13.93 17.79
CA MET B 1 7.73 12.69 18.53
C MET B 1 7.07 11.67 17.58
N ARG B 2 7.57 10.45 17.65
CA ARG B 2 7.17 9.38 16.79
C ARG B 2 6.70 8.20 17.67
N VAL B 3 5.47 7.74 17.46
CA VAL B 3 4.84 6.71 18.30
C VAL B 3 4.34 5.57 17.43
N LEU B 4 4.58 4.34 17.87
CA LEU B 4 4.03 3.14 17.24
C LEU B 4 2.81 2.63 18.02
N ILE B 5 1.70 2.46 17.31
CA ILE B 5 0.46 1.94 17.85
C ILE B 5 0.38 0.47 17.52
N VAL B 6 0.12 -0.39 18.52
CA VAL B 6 -0.24 -1.79 18.26
C VAL B 6 -1.73 -1.97 18.62
N LYS B 7 -2.53 -2.23 17.60
CA LYS B 7 -3.96 -2.36 17.69
C LYS B 7 -4.42 -2.97 16.39
N THR B 8 -4.45 -4.29 16.37
CA THR B 8 -4.50 -5.04 15.13
C THR B 8 -5.87 -5.43 14.66
N SER B 9 -6.84 -5.49 15.56
CA SER B 9 -8.12 -6.14 15.31
C SER B 9 -9.05 -5.90 16.48
N SER B 10 -10.36 -6.07 16.33
CA SER B 10 -11.08 -6.27 15.06
C SER B 10 -11.45 -4.91 14.46
N MET B 11 -12.32 -4.87 13.45
CA MET B 11 -12.60 -3.64 12.73
C MET B 11 -13.05 -2.51 13.65
N GLY B 12 -14.02 -2.79 14.52
CA GLY B 12 -14.55 -1.80 15.45
C GLY B 12 -13.48 -1.27 16.40
N ASP B 13 -12.61 -2.18 16.83
CA ASP B 13 -11.58 -1.84 17.82
C ASP B 13 -10.51 -0.94 17.22
N VAL B 14 -10.21 -1.18 15.95
CA VAL B 14 -9.28 -0.33 15.23
C VAL B 14 -9.88 1.05 15.11
N LEU B 15 -11.18 1.10 14.72
CA LEU B 15 -11.88 2.38 14.58
C LEU B 15 -11.93 3.15 15.89
N HIS B 16 -12.21 2.43 16.97
CA HIS B 16 -12.28 3.02 18.33
C HIS B 16 -11.01 3.70 18.82
N THR B 17 -9.89 3.32 18.25
CA THR B 17 -8.62 3.91 18.57
C THR B 17 -8.41 5.32 17.98
N LEU B 18 -9.08 5.62 16.86
CA LEU B 18 -8.88 6.92 16.16
C LEU B 18 -9.03 8.22 17.03
N PRO B 19 -10.07 8.33 17.89
CA PRO B 19 -10.17 9.53 18.72
C PRO B 19 -8.96 9.79 19.62
N ALA B 20 -8.25 8.72 20.01
CA ALA B 20 -7.04 8.88 20.83
C ALA B 20 -5.91 9.56 20.04
N LEU B 21 -5.77 9.23 18.77
CA LEU B 21 -4.81 9.92 17.90
C LEU B 21 -5.15 11.40 17.77
N THR B 22 -6.43 11.70 17.64
CA THR B 22 -6.88 13.07 17.50
C THR B 22 -6.56 13.87 18.76
N ASP B 23 -6.89 13.33 19.93
CA ASP B 23 -6.47 13.95 21.22
C ASP B 23 -4.95 14.23 21.21
N ALA B 24 -4.15 13.22 20.85
CA ALA B 24 -2.70 13.35 20.90
C ALA B 24 -2.13 14.39 19.93
N GLN B 25 -2.74 14.51 18.76
CA GLN B 25 -2.34 15.49 17.75
C GLN B 25 -2.58 16.90 18.25
N GLN B 26 -3.66 17.12 18.98
CA GLN B 26 -4.00 18.42 19.52
C GLN B 26 -3.12 18.81 20.70
N ALA B 27 -2.77 17.86 21.56
CA ALA B 27 -1.90 18.15 22.70
C ALA B 27 -0.40 18.20 22.37
N ILE B 28 0.02 17.49 21.33
CA ILE B 28 1.43 17.37 20.94
C ILE B 28 1.64 17.78 19.46
N PRO B 29 1.98 19.08 19.22
CA PRO B 29 2.25 19.50 17.84
C PRO B 29 3.31 18.63 17.15
N GLY B 30 2.98 18.20 15.93
CA GLY B 30 3.92 17.44 15.11
C GLY B 30 4.02 15.95 15.43
N ILE B 31 3.25 15.42 16.40
CA ILE B 31 3.32 13.99 16.69
C ILE B 31 2.93 13.18 15.46
N LYS B 32 3.65 12.07 15.23
CA LYS B 32 3.31 11.12 14.19
C LYS B 32 3.24 9.70 14.71
N PHE B 33 2.30 8.95 14.16
CA PHE B 33 2.03 7.57 14.51
C PHE B 33 2.28 6.64 13.32
N ASP B 34 2.97 5.53 13.61
CA ASP B 34 2.90 4.35 12.80
C ASP B 34 1.93 3.41 13.49
N TRP B 35 1.44 2.41 12.76
CA TRP B 35 0.37 1.60 13.29
C TRP B 35 0.45 0.20 12.68
N VAL B 36 0.59 -0.81 13.56
CA VAL B 36 0.56 -2.19 13.18
C VAL B 36 -0.89 -2.65 13.27
N VAL B 37 -1.42 -3.13 12.14
CA VAL B 37 -2.83 -3.45 12.02
C VAL B 37 -2.98 -4.67 11.14
N GLU B 38 -4.00 -5.48 11.37
CA GLU B 38 -4.26 -6.63 10.46
C GLU B 38 -4.46 -6.14 9.03
N GLU B 39 -3.96 -6.90 8.08
CA GLU B 39 -4.02 -6.51 6.67
C GLU B 39 -5.43 -6.12 6.20
N GLY B 40 -6.45 -6.81 6.68
CA GLY B 40 -7.82 -6.53 6.27
C GLY B 40 -8.33 -5.15 6.62
N PHE B 41 -7.74 -4.54 7.64
CA PHE B 41 -8.09 -3.22 8.11
C PHE B 41 -7.02 -2.18 7.83
N ALA B 42 -6.03 -2.47 7.00
CA ALA B 42 -4.90 -1.53 6.79
C ALA B 42 -5.25 -0.16 6.26
N GLN B 43 -6.37 -0.04 5.54
CA GLN B 43 -6.79 1.26 5.00
C GLN B 43 -7.23 2.24 6.10
N ILE B 44 -7.74 1.75 7.23
CA ILE B 44 -8.41 2.59 8.22
C ILE B 44 -7.46 3.61 8.82
N PRO B 45 -6.29 3.16 9.27
CA PRO B 45 -5.36 4.13 9.80
C PRO B 45 -4.90 5.19 8.83
N SER B 46 -4.85 4.87 7.53
CA SER B 46 -4.37 5.87 6.54
C SER B 46 -5.32 7.01 6.39
N TRP B 47 -6.56 6.86 6.83
CA TRP B 47 -7.53 7.96 6.75
C TRP B 47 -7.33 9.06 7.79
N HIS B 48 -6.45 8.88 8.77
CA HIS B 48 -6.29 9.88 9.82
C HIS B 48 -5.03 10.67 9.55
N ALA B 49 -5.12 12.00 9.65
CA ALA B 49 -4.00 12.89 9.32
C ALA B 49 -2.75 12.71 10.19
N ALA B 50 -2.85 12.10 11.37
CA ALA B 50 -1.64 11.90 12.21
C ALA B 50 -0.87 10.65 11.89
N VAL B 51 -1.37 9.79 10.99
CA VAL B 51 -0.73 8.52 10.67
C VAL B 51 0.23 8.66 9.49
N GLU B 52 1.42 8.07 9.63
CA GLU B 52 2.36 7.94 8.50
C GLU B 52 2.37 6.54 7.91
N ARG B 53 3.11 5.63 8.55
CA ARG B 53 3.36 4.32 8.04
C ARG B 53 2.39 3.37 8.75
N VAL B 54 1.48 2.81 7.99
CA VAL B 54 0.75 1.64 8.35
C VAL B 54 1.62 0.40 8.11
N ILE B 55 1.72 -0.50 9.07
CA ILE B 55 2.54 -1.71 8.99
C ILE B 55 1.64 -2.94 9.11
N PRO B 56 1.26 -3.53 7.97
CA PRO B 56 0.28 -4.62 8.05
C PRO B 56 0.87 -5.85 8.66
N VAL B 57 0.11 -6.52 9.53
CA VAL B 57 0.38 -7.89 9.97
C VAL B 57 -0.73 -8.75 9.46
N ALA B 58 -0.45 -10.03 9.40
CA ALA B 58 -1.43 -11.03 9.02
C ALA B 58 -1.35 -12.24 9.95
N ILE B 59 -1.37 -11.96 11.26
CA ILE B 59 -1.29 -13.01 12.29
C ILE B 59 -2.30 -14.12 12.04
N ARG B 60 -3.55 -13.75 11.75
CA ARG B 60 -4.62 -14.76 11.58
C ARG B 60 -4.35 -15.71 10.40
N ARG B 61 -3.88 -15.15 9.30
CA ARG B 61 -3.58 -15.91 8.12
C ARG B 61 -2.27 -16.72 8.28
N TRP B 62 -1.27 -16.11 8.92
CA TRP B 62 0.01 -16.76 9.16
C TRP B 62 -0.13 -18.00 10.03
N ARG B 63 -1.08 -18.02 10.98
CA ARG B 63 -1.23 -19.16 11.92
C ARG B 63 -1.52 -20.54 11.26
N LYS B 64 -2.12 -20.55 10.06
CA LYS B 64 -2.36 -21.79 9.31
C LYS B 64 -1.10 -22.55 8.87
N ALA B 65 -0.07 -21.80 8.45
CA ALA B 65 1.19 -22.35 7.97
C ALA B 65 2.35 -21.52 8.56
N TRP B 66 2.39 -21.39 9.87
CA TRP B 66 3.31 -20.41 10.51
C TRP B 66 4.78 -20.56 10.10
N PHE B 67 5.23 -21.78 9.80
CA PHE B 67 6.67 -22.05 9.48
C PHE B 67 6.98 -22.35 8.02
N SER B 68 5.95 -22.66 7.23
CA SER B 68 5.98 -22.58 5.75
C SER B 68 6.92 -21.46 5.26
N ALA B 69 7.59 -21.68 4.15
CA ALA B 69 8.67 -20.76 3.69
C ALA B 69 8.15 -19.38 3.30
N PRO B 70 7.07 -19.29 2.50
CA PRO B 70 6.53 -17.95 2.17
C PRO B 70 6.05 -17.13 3.40
N ILE B 71 5.53 -17.84 4.41
CA ILE B 71 5.07 -17.22 5.65
C ILE B 71 6.27 -16.75 6.47
N LYS B 72 7.28 -17.60 6.63
CA LYS B 72 8.53 -17.18 7.32
C LYS B 72 9.14 -15.94 6.66
N ALA B 73 8.97 -15.80 5.34
CA ALA B 73 9.49 -14.65 4.59
C ALA B 73 8.68 -13.38 4.80
N GLU B 74 7.36 -13.53 4.82
CA GLU B 74 6.45 -12.41 5.15
C GLU B 74 6.66 -11.85 6.56
N ARG B 75 6.88 -12.78 7.50
CA ARG B 75 7.17 -12.46 8.91
C ARG B 75 8.49 -11.75 9.03
N LYS B 76 9.50 -12.24 8.34
CA LYS B 76 10.81 -11.59 8.28
C LYS B 76 10.69 -10.16 7.76
N ALA B 77 9.88 -9.96 6.71
CA ALA B 77 9.65 -8.63 6.14
C ALA B 77 8.91 -7.73 7.10
N PHE B 78 7.94 -8.33 7.81
CA PHE B 78 7.18 -7.64 8.83
C PHE B 78 8.08 -7.16 9.99
N ARG B 79 8.90 -8.07 10.55
CA ARG B 79 9.90 -7.70 11.57
C ARG B 79 10.75 -6.54 11.11
N GLU B 80 11.24 -6.59 9.86
CA GLU B 80 12.09 -5.51 9.33
C GLU B 80 11.37 -4.18 9.23
N ALA B 81 10.11 -4.20 8.78
CA ALA B 81 9.31 -2.98 8.78
C ALA B 81 9.02 -2.47 10.24
N LEU B 82 8.78 -3.44 11.14
CA LEU B 82 8.51 -3.12 12.55
C LEU B 82 9.69 -2.46 13.21
N GLN B 83 10.88 -3.04 12.99
CA GLN B 83 12.10 -2.62 13.68
C GLN B 83 12.88 -1.50 12.98
N ALA B 84 12.27 -0.82 12.03
CA ALA B 84 13.00 0.16 11.23
C ALA B 84 13.26 1.48 11.94
N LYS B 85 12.34 1.87 12.85
CA LYS B 85 12.46 3.14 13.60
C LYS B 85 12.64 2.87 15.08
N ASN B 86 13.29 3.81 15.75
CA ASN B 86 13.34 3.83 17.21
C ASN B 86 12.21 4.78 17.56
N TYR B 87 11.20 4.25 18.26
CA TYR B 87 10.03 5.01 18.61
C TYR B 87 10.17 5.65 20.01
N ASP B 88 9.59 6.83 20.16
CA ASP B 88 9.59 7.52 21.45
C ASP B 88 8.64 6.81 22.43
N ALA B 89 7.60 6.14 21.91
CA ALA B 89 6.77 5.25 22.68
C ALA B 89 6.15 4.22 21.74
N VAL B 90 5.98 3.00 22.25
CA VAL B 90 5.18 1.96 21.60
C VAL B 90 3.95 1.78 22.49
N ILE B 91 2.74 1.94 21.95
CA ILE B 91 1.53 1.80 22.74
C ILE B 91 0.75 0.60 22.28
N ASP B 92 0.59 -0.38 23.17
CA ASP B 92 -0.22 -1.56 22.89
C ASP B 92 -1.61 -1.30 23.42
N ALA B 93 -2.50 -0.92 22.51
CA ALA B 93 -3.88 -0.69 22.86
C ALA B 93 -4.72 -1.95 22.73
N GLN B 94 -4.12 -3.08 22.40
CA GLN B 94 -4.87 -4.32 22.20
C GLN B 94 -4.98 -5.12 23.51
N GLY B 95 -3.85 -5.34 24.17
CA GLY B 95 -3.86 -6.03 25.47
C GLY B 95 -4.02 -7.56 25.41
N LEU B 96 -3.60 -8.17 24.31
CA LEU B 96 -3.66 -9.60 24.13
C LEU B 96 -2.23 -10.10 24.09
N VAL B 97 -2.05 -11.37 24.41
CA VAL B 97 -0.73 -12.01 24.35
C VAL B 97 -0.21 -12.02 22.92
N LYS B 98 -1.09 -12.23 21.93
CA LYS B 98 -0.70 -12.25 20.52
C LYS B 98 -0.07 -10.89 20.12
N SER B 99 -0.76 -9.80 20.43
CA SER B 99 -0.31 -8.47 20.19
C SER B 99 1.00 -8.17 20.99
N ALA B 100 1.04 -8.58 22.24
CA ALA B 100 2.16 -8.23 23.12
C ALA B 100 3.46 -8.96 22.80
N ALA B 101 3.31 -10.24 22.49
CA ALA B 101 4.43 -11.11 22.27
C ALA B 101 4.88 -11.17 20.82
N LEU B 102 3.93 -11.20 19.88
CA LEU B 102 4.27 -11.24 18.45
C LEU B 102 4.68 -9.91 17.85
N VAL B 103 4.29 -8.78 18.49
CA VAL B 103 4.54 -7.44 17.94
C VAL B 103 5.22 -6.49 18.90
N THR B 104 4.56 -6.16 20.00
CA THR B 104 5.07 -5.13 20.92
C THR B 104 6.45 -5.42 21.42
N ARG B 105 6.70 -6.66 21.85
CA ARG B 105 8.02 -7.09 22.35
C ARG B 105 9.17 -6.83 21.39
N LEU B 106 8.89 -6.89 20.08
CA LEU B 106 9.93 -6.80 19.07
C LEU B 106 10.24 -5.37 18.65
N ALA B 107 9.40 -4.39 19.00
CA ALA B 107 9.64 -3.03 18.53
C ALA B 107 10.70 -2.33 19.38
N HIS B 108 11.28 -1.24 18.85
CA HIS B 108 12.26 -0.46 19.59
C HIS B 108 11.58 0.77 20.15
N GLY B 109 11.79 1.03 21.44
CA GLY B 109 11.19 2.11 22.19
C GLY B 109 10.53 1.57 23.46
N VAL B 110 10.23 2.48 24.36
CA VAL B 110 9.55 2.19 25.59
C VAL B 110 8.11 1.71 25.29
N LYS B 111 7.73 0.61 25.89
CA LYS B 111 6.51 -0.13 25.58
C LYS B 111 5.50 0.14 26.68
N HIS B 112 4.38 0.77 26.29
CA HIS B 112 3.28 1.08 27.13
C HIS B 112 2.09 0.14 26.84
N GLY B 113 1.37 -0.23 27.89
CA GLY B 113 0.12 -0.91 27.73
C GLY B 113 -0.59 -0.98 29.08
N MET B 114 -1.69 -1.70 29.09
CA MET B 114 -2.51 -1.82 30.28
C MET B 114 -1.90 -2.77 31.29
N ASP B 115 -2.12 -2.50 32.58
CA ASP B 115 -1.53 -3.35 33.64
C ASP B 115 -2.24 -4.71 33.75
N TRP B 116 -1.69 -5.59 34.58
CA TRP B 116 -2.23 -6.93 34.85
C TRP B 116 -3.77 -6.94 35.05
N GLN B 117 -4.27 -6.00 35.85
CA GLN B 117 -5.68 -5.88 36.19
C GLN B 117 -6.61 -5.35 35.14
N THR B 118 -6.11 -4.50 34.23
CA THR B 118 -6.98 -3.91 33.22
C THR B 118 -6.79 -4.39 31.78
N ALA B 119 -5.75 -5.16 31.51
CA ALA B 119 -5.56 -5.72 30.16
C ALA B 119 -6.53 -6.88 29.85
N ARG B 120 -6.81 -7.12 28.58
CA ARG B 120 -7.81 -8.10 28.23
C ARG B 120 -7.32 -9.48 28.59
N GLU B 121 -6.05 -9.72 28.32
CA GLU B 121 -5.34 -10.91 28.77
C GLU B 121 -4.22 -10.42 29.71
N PRO B 122 -4.36 -10.65 31.02
CA PRO B 122 -3.37 -10.10 31.98
C PRO B 122 -1.92 -10.44 31.69
N LEU B 123 -1.67 -11.62 31.13
CA LEU B 123 -0.31 -11.99 30.80
C LEU B 123 0.38 -11.07 29.76
N ALA B 124 -0.40 -10.36 28.94
CA ALA B 124 0.15 -9.36 28.03
C ALA B 124 0.96 -8.31 28.78
N SER B 125 0.60 -8.01 30.03
CA SER B 125 1.27 -6.98 30.82
C SER B 125 2.72 -7.34 31.18
N LEU B 126 3.08 -8.60 31.10
CA LEU B 126 4.46 -8.99 31.33
C LEU B 126 5.43 -8.44 30.28
N PHE B 127 4.90 -7.98 29.16
CA PHE B 127 5.70 -7.57 28.01
C PHE B 127 5.87 -6.08 27.95
N TYR B 128 5.32 -5.33 28.89
CA TYR B 128 5.36 -3.86 28.84
C TYR B 128 6.42 -3.30 29.78
N ASN B 129 6.98 -2.15 29.44
CA ASN B 129 7.89 -1.43 30.33
C ASN B 129 7.09 -0.53 31.27
N ARG B 130 6.03 0.11 30.74
CA ARG B 130 5.17 1.02 31.48
C ARG B 130 3.73 0.51 31.44
N LYS B 131 3.23 0.20 32.61
CA LYS B 131 1.90 -0.30 32.81
C LYS B 131 0.98 0.87 33.20
N HIS B 132 -0.24 0.89 32.68
CA HIS B 132 -1.21 1.92 33.03
C HIS B 132 -2.48 1.25 33.41
N HIS B 133 -3.12 1.78 34.44
CA HIS B 133 -4.35 1.23 34.97
C HIS B 133 -5.51 1.92 34.25
N ILE B 134 -6.21 1.21 33.38
CA ILE B 134 -7.27 1.83 32.58
C ILE B 134 -8.58 1.15 32.96
N ALA B 135 -9.44 1.85 33.72
CA ALA B 135 -10.64 1.17 34.31
C ALA B 135 -11.44 0.51 33.23
N LYS B 136 -11.87 -0.72 33.49
CA LYS B 136 -12.54 -1.56 32.50
C LYS B 136 -13.91 -1.05 32.07
N GLN B 137 -14.59 -0.28 32.92
CA GLN B 137 -16.02 -0.11 32.80
C GLN B 137 -16.35 1.26 32.18
N GLN B 138 -15.91 1.43 30.94
CA GLN B 138 -16.07 2.66 30.14
C GLN B 138 -16.08 2.17 28.74
N HIS B 139 -16.53 3.03 27.83
CA HIS B 139 -16.54 2.69 26.41
C HIS B 139 -15.09 2.52 25.92
N ALA B 140 -14.89 1.58 25.00
CA ALA B 140 -13.60 1.34 24.41
C ALA B 140 -12.88 2.62 23.91
N VAL B 141 -13.63 3.55 23.35
CA VAL B 141 -13.05 4.82 22.88
C VAL B 141 -12.40 5.56 24.04
N GLU B 142 -13.05 5.59 25.18
CA GLU B 142 -12.56 6.38 26.30
C GLU B 142 -11.37 5.69 26.92
N ARG B 143 -11.38 4.37 26.94
CA ARG B 143 -10.29 3.60 27.53
C ARG B 143 -8.96 3.86 26.77
N THR B 144 -9.03 3.81 25.45
CA THR B 144 -7.91 4.04 24.58
C THR B 144 -7.40 5.48 24.66
N ARG B 145 -8.31 6.43 24.71
CA ARG B 145 -7.95 7.82 24.95
C ARG B 145 -7.24 7.96 26.26
N GLU B 146 -7.70 7.26 27.27
CA GLU B 146 -7.03 7.34 28.57
C GLU B 146 -5.63 6.75 28.48
N LEU B 147 -5.49 5.61 27.77
CA LEU B 147 -4.22 4.94 27.67
C LEU B 147 -3.22 5.84 26.96
N PHE B 148 -3.66 6.48 25.86
CA PHE B 148 -2.82 7.38 25.10
C PHE B 148 -2.39 8.57 25.96
N ALA B 149 -3.34 9.15 26.69
CA ALA B 149 -3.06 10.36 27.50
C ALA B 149 -2.02 10.09 28.59
N LYS B 150 -2.21 8.97 29.30
CA LYS B 150 -1.27 8.51 30.28
C LYS B 150 0.08 8.10 29.72
N SER B 151 0.08 7.49 28.53
CA SER B 151 1.35 7.02 27.93
C SER B 151 2.23 8.17 27.45
N LEU B 152 1.62 9.15 26.80
CA LEU B 152 2.33 10.27 26.19
C LEU B 152 2.40 11.55 27.04
N GLY B 153 1.84 11.54 28.26
CA GLY B 153 1.99 12.69 29.14
C GLY B 153 1.16 13.92 28.87
N TYR B 154 -0.14 13.75 28.63
CA TYR B 154 -1.05 14.89 28.56
C TYR B 154 -2.36 14.55 29.18
N SER B 155 -3.15 15.55 29.51
CA SER B 155 -4.42 15.34 30.18
C SER B 155 -5.49 15.04 29.11
N LYS B 156 -6.36 14.12 29.47
CA LYS B 156 -7.30 13.58 28.58
C LYS B 156 -8.34 14.66 28.46
N PRO B 157 -8.60 15.15 27.24
CA PRO B 157 -9.66 16.17 27.14
C PRO B 157 -11.05 15.66 27.53
N GLN B 158 -11.90 16.59 27.94
CA GLN B 158 -13.25 16.27 28.43
C GLN B 158 -14.29 16.15 27.27
N THR B 159 -13.95 16.73 26.12
CA THR B 159 -14.82 16.76 24.93
C THR B 159 -15.10 15.36 24.38
N GLN B 160 -16.11 15.27 23.53
CA GLN B 160 -16.48 14.04 22.86
C GLN B 160 -15.34 13.65 21.92
N GLY B 161 -15.06 12.34 21.85
CA GLY B 161 -14.02 11.83 20.99
C GLY B 161 -14.30 12.13 19.52
N ASP B 162 -13.26 12.51 18.80
CA ASP B 162 -13.39 12.83 17.41
C ASP B 162 -12.49 11.88 16.59
N TYR B 163 -13.15 11.07 15.77
CA TYR B 163 -12.47 10.12 14.88
C TYR B 163 -11.63 10.82 13.82
N ALA B 164 -12.09 11.99 13.40
CA ALA B 164 -11.36 12.80 12.39
C ALA B 164 -10.98 12.04 11.15
N ILE B 165 -11.92 11.24 10.65
CA ILE B 165 -11.75 10.60 9.35
C ILE B 165 -12.67 11.07 8.25
N ALA B 166 -13.79 11.70 8.60
CA ALA B 166 -14.74 12.13 7.59
C ALA B 166 -14.12 13.17 6.60
N GLN B 167 -13.20 14.02 7.06
CA GLN B 167 -12.48 14.94 6.15
C GLN B 167 -11.75 14.24 4.95
N HIS B 168 -11.17 13.06 5.19
CA HIS B 168 -10.56 12.26 4.14
C HIS B 168 -11.61 11.93 3.08
N PHE B 169 -12.85 11.73 3.50
CA PHE B 169 -13.92 11.41 2.54
C PHE B 169 -14.61 12.62 1.89
N LEU B 170 -14.48 13.80 2.50
CA LEU B 170 -15.03 15.06 1.96
C LEU B 170 -14.68 15.27 0.47
N THR B 171 -13.47 14.87 0.05
CA THR B 171 -13.01 15.08 -1.33
C THR B 171 -13.53 14.04 -2.35
N ASN B 172 -14.16 12.98 -1.88
CA ASN B 172 -14.53 11.85 -2.72
C ASN B 172 -15.95 11.35 -2.51
N LEU B 173 -16.81 12.21 -1.97
CA LEU B 173 -18.19 11.88 -1.68
C LEU B 173 -18.83 11.44 -2.99
N PRO B 174 -19.59 10.33 -2.99
CA PRO B 174 -20.30 10.01 -4.23
C PRO B 174 -21.18 11.17 -4.73
N THR B 175 -21.33 11.21 -6.05
CA THR B 175 -22.22 12.12 -6.73
C THR B 175 -23.63 12.14 -6.13
N ASP B 176 -24.17 10.96 -5.82
CA ASP B 176 -25.52 10.82 -5.22
C ASP B 176 -25.58 10.94 -3.69
N ALA B 177 -24.53 11.48 -3.08
CA ALA B 177 -24.51 11.74 -1.64
C ALA B 177 -25.81 12.40 -1.24
N GLY B 178 -26.46 11.87 -0.23
CA GLY B 178 -27.67 12.46 0.34
C GLY B 178 -28.94 11.80 -0.13
N GLU B 179 -28.91 11.08 -1.24
CA GLU B 179 -30.14 10.62 -1.88
C GLU B 179 -30.46 9.17 -1.52
N TYR B 180 -29.63 8.51 -0.70
CA TYR B 180 -29.82 7.09 -0.37
C TYR B 180 -29.59 6.80 1.10
N ALA B 181 -30.15 5.68 1.54
CA ALA B 181 -29.80 5.06 2.81
C ALA B 181 -28.96 3.82 2.53
N VAL B 182 -28.20 3.41 3.54
CA VAL B 182 -27.47 2.14 3.45
C VAL B 182 -28.02 1.21 4.52
N PHE B 183 -28.33 -0.04 4.12
CA PHE B 183 -28.76 -1.09 5.05
C PHE B 183 -27.62 -2.10 5.26
N LEU B 184 -27.16 -2.23 6.51
CA LEU B 184 -26.06 -3.11 6.84
C LEU B 184 -26.67 -4.32 7.53
N HIS B 185 -26.68 -5.45 6.81
CA HIS B 185 -27.40 -6.64 7.21
C HIS B 185 -26.51 -7.76 7.68
N ALA B 186 -25.27 -7.74 7.20
CA ALA B 186 -24.26 -8.74 7.49
C ALA B 186 -23.59 -8.58 8.86
N THR B 187 -23.57 -9.66 9.63
CA THR B 187 -22.88 -9.71 10.89
C THR B 187 -22.36 -11.15 11.13
N THR B 188 -22.19 -11.53 12.38
CA THR B 188 -21.18 -12.48 12.82
C THR B 188 -21.71 -13.86 13.33
N ARG B 189 -23.01 -13.97 13.57
CA ARG B 189 -23.63 -14.96 14.45
C ARG B 189 -25.12 -14.91 14.12
N ASP B 190 -25.79 -16.02 13.85
CA ASP B 190 -27.21 -16.02 13.43
C ASP B 190 -28.12 -15.08 14.26
N ASP B 191 -28.05 -15.21 15.57
CA ASP B 191 -28.98 -14.49 16.48
C ASP B 191 -28.79 -12.95 16.49
N LYS B 192 -27.69 -12.45 15.91
CA LYS B 192 -27.45 -11.02 15.72
C LYS B 192 -28.01 -10.43 14.42
N HIS B 193 -28.48 -11.28 13.50
CA HIS B 193 -29.13 -10.87 12.28
C HIS B 193 -30.55 -10.47 12.53
N TRP B 194 -31.01 -9.41 11.85
CA TRP B 194 -32.42 -9.11 11.80
C TRP B 194 -32.93 -10.07 10.70
N PRO B 195 -33.96 -10.87 11.02
CA PRO B 195 -34.41 -11.84 9.99
C PRO B 195 -34.75 -11.18 8.63
N GLU B 196 -34.39 -11.86 7.57
CA GLU B 196 -34.63 -11.39 6.19
C GLU B 196 -36.04 -10.90 5.85
N GLU B 197 -37.06 -11.58 6.33
CA GLU B 197 -38.43 -11.14 6.11
C GLU B 197 -38.65 -9.74 6.70
N HIS B 198 -38.03 -9.43 7.84
CA HIS B 198 -38.23 -8.10 8.44
C HIS B 198 -37.56 -6.97 7.64
N TRP B 199 -36.33 -7.20 7.14
CA TRP B 199 -35.65 -6.29 6.22
C TRP B 199 -36.53 -5.96 5.00
N ARG B 200 -37.05 -7.02 4.38
CA ARG B 200 -37.86 -6.88 3.16
C ARG B 200 -39.14 -6.12 3.41
N GLU B 201 -39.76 -6.34 4.57
CA GLU B 201 -40.94 -5.56 4.96
C GLU B 201 -40.57 -4.09 5.16
N LEU B 202 -39.42 -3.84 5.80
CA LEU B 202 -38.94 -2.45 5.97
C LEU B 202 -38.75 -1.80 4.59
N ILE B 203 -37.94 -2.44 3.76
CA ILE B 203 -37.73 -1.95 2.41
C ILE B 203 -39.08 -1.63 1.74
N GLY B 204 -40.04 -2.55 1.87
CA GLY B 204 -41.40 -2.43 1.33
C GLY B 204 -42.15 -1.23 1.84
N LEU B 205 -42.10 -0.99 3.15
CA LEU B 205 -42.72 0.20 3.73
C LEU B 205 -42.18 1.56 3.21
N LEU B 206 -41.03 1.56 2.51
CA LEU B 206 -40.40 2.79 2.02
C LEU B 206 -40.45 2.90 0.49
N ALA B 207 -41.15 1.98 -0.14
CA ALA B 207 -41.14 1.88 -1.59
C ALA B 207 -41.63 3.18 -2.20
N ASP B 208 -42.78 3.64 -1.72
CA ASP B 208 -43.47 4.78 -2.36
C ASP B 208 -42.83 6.16 -2.07
N SER B 209 -41.97 6.23 -1.05
CA SER B 209 -41.26 7.47 -0.65
C SER B 209 -40.31 7.92 -1.73
N GLY B 210 -39.83 6.94 -2.50
CA GLY B 210 -38.81 7.21 -3.53
C GLY B 210 -37.39 7.27 -2.97
N ILE B 211 -37.21 6.79 -1.73
CA ILE B 211 -35.87 6.62 -1.19
C ILE B 211 -35.07 5.59 -2.04
N ARG B 212 -33.76 5.73 -2.09
CA ARG B 212 -32.90 4.70 -2.67
C ARG B 212 -32.13 4.03 -1.52
N ILE B 213 -31.92 2.72 -1.65
CA ILE B 213 -31.30 1.91 -0.63
C ILE B 213 -30.17 1.09 -1.22
N LYS B 214 -29.01 1.12 -0.58
CA LYS B 214 -27.84 0.33 -1.05
C LYS B 214 -27.43 -0.71 -0.02
N LEU B 215 -27.02 -1.86 -0.53
CA LEU B 215 -26.78 -3.02 0.29
C LEU B 215 -25.39 -3.50 0.00
N PRO B 216 -24.47 -3.40 1.01
CA PRO B 216 -23.14 -3.94 0.83
C PRO B 216 -23.00 -5.40 1.21
N TRP B 217 -21.90 -5.98 0.76
CA TRP B 217 -21.57 -7.36 1.06
C TRP B 217 -20.07 -7.56 0.92
N GLY B 218 -19.51 -8.45 1.73
CA GLY B 218 -18.09 -8.79 1.68
C GLY B 218 -17.74 -10.26 1.59
N ALA B 219 -18.72 -11.12 1.36
CA ALA B 219 -18.50 -12.55 1.17
C ALA B 219 -19.71 -13.14 0.45
N PRO B 220 -19.52 -14.23 -0.31
CA PRO B 220 -20.59 -14.89 -1.07
C PRO B 220 -21.94 -15.00 -0.37
N HIS B 221 -21.99 -15.58 0.82
CA HIS B 221 -23.27 -15.74 1.51
C HIS B 221 -23.96 -14.39 1.79
N GLU B 222 -23.16 -13.34 2.01
CA GLU B 222 -23.70 -11.98 2.22
C GLU B 222 -24.27 -11.37 0.93
N GLU B 223 -23.56 -11.55 -0.19
CA GLU B 223 -24.07 -11.19 -1.53
C GLU B 223 -25.40 -11.81 -1.82
N GLU B 224 -25.55 -13.09 -1.52
CA GLU B 224 -26.80 -13.82 -1.79
C GLU B 224 -27.94 -13.30 -0.93
N ARG B 225 -27.66 -13.02 0.35
CA ARG B 225 -28.70 -12.39 1.21
C ARG B 225 -29.05 -11.01 0.65
N ALA B 226 -28.06 -10.19 0.27
CA ALA B 226 -28.32 -8.87 -0.35
C ALA B 226 -29.26 -8.99 -1.57
N LYS B 227 -29.01 -9.98 -2.41
CA LYS B 227 -29.89 -10.26 -3.59
C LYS B 227 -31.32 -10.64 -3.21
N ARG B 228 -31.50 -11.49 -2.19
CA ARG B 228 -32.85 -11.83 -1.69
C ARG B 228 -33.57 -10.61 -1.11
N LEU B 229 -32.85 -9.69 -0.46
CA LEU B 229 -33.45 -8.47 0.07
C LEU B 229 -33.89 -7.53 -1.04
N ALA B 230 -33.11 -7.44 -2.13
CA ALA B 230 -33.34 -6.44 -3.19
C ALA B 230 -34.31 -6.93 -4.27
N GLU B 231 -34.39 -8.24 -4.43
CA GLU B 231 -35.38 -8.97 -5.27
C GLU B 231 -36.77 -8.31 -5.31
N GLY B 232 -37.08 -7.71 -6.46
CA GLY B 232 -38.42 -7.12 -6.71
C GLY B 232 -38.57 -5.65 -6.42
N PHE B 233 -37.53 -5.03 -5.85
CA PHE B 233 -37.53 -3.61 -5.45
C PHE B 233 -36.50 -2.84 -6.29
N ALA B 234 -36.97 -2.12 -7.31
CA ALA B 234 -36.03 -1.47 -8.27
C ALA B 234 -35.23 -0.31 -7.67
N TYR B 235 -35.73 0.23 -6.58
CA TYR B 235 -35.06 1.31 -5.82
C TYR B 235 -33.95 0.79 -4.84
N VAL B 236 -33.82 -0.55 -4.67
CA VAL B 236 -32.75 -1.19 -3.89
C VAL B 236 -31.64 -1.67 -4.83
N GLU B 237 -30.41 -1.29 -4.53
CA GLU B 237 -29.27 -1.60 -5.33
C GLU B 237 -28.33 -2.49 -4.49
N VAL B 238 -27.86 -3.59 -5.08
CA VAL B 238 -26.81 -4.40 -4.50
C VAL B 238 -25.53 -3.82 -5.03
N LEU B 239 -24.66 -3.36 -4.12
CA LEU B 239 -23.37 -2.82 -4.51
C LEU B 239 -22.51 -3.93 -5.10
N PRO B 240 -21.62 -3.56 -6.04
CA PRO B 240 -20.55 -4.50 -6.43
C PRO B 240 -19.55 -4.69 -5.29
N LYS B 241 -18.70 -5.71 -5.38
CA LYS B 241 -17.62 -5.89 -4.41
C LYS B 241 -16.78 -4.63 -4.41
N MET B 242 -16.49 -4.12 -3.22
CA MET B 242 -15.58 -3.01 -3.09
C MET B 242 -14.67 -3.23 -1.92
N SER B 243 -13.63 -2.40 -1.91
CA SER B 243 -12.67 -2.36 -0.83
C SER B 243 -13.29 -1.67 0.35
N LEU B 244 -12.61 -1.78 1.48
CA LEU B 244 -13.07 -1.14 2.69
C LEU B 244 -13.19 0.36 2.47
N GLU B 245 -12.24 0.94 1.76
CA GLU B 245 -12.31 2.36 1.47
C GLU B 245 -13.54 2.68 0.62
N GLY B 246 -13.81 1.87 -0.42
CA GLY B 246 -15.03 2.04 -1.24
C GLY B 246 -16.34 2.06 -0.43
N VAL B 247 -16.49 1.05 0.44
CA VAL B 247 -17.71 0.97 1.25
C VAL B 247 -17.76 2.14 2.24
N ALA B 248 -16.62 2.62 2.71
CA ALA B 248 -16.62 3.82 3.52
C ALA B 248 -17.09 5.04 2.75
N ARG B 249 -16.69 5.16 1.49
CA ARG B 249 -17.17 6.27 0.62
C ARG B 249 -18.68 6.19 0.55
N VAL B 250 -19.20 4.99 0.32
CA VAL B 250 -20.64 4.83 0.23
C VAL B 250 -21.31 5.28 1.52
N LEU B 251 -20.79 4.83 2.66
CA LEU B 251 -21.39 5.17 3.97
C LEU B 251 -21.32 6.65 4.22
N ALA B 252 -20.21 7.28 3.79
CA ALA B 252 -20.02 8.73 3.99
C ALA B 252 -21.06 9.59 3.25
N GLY B 253 -21.58 9.07 2.14
CA GLY B 253 -22.65 9.72 1.42
C GLY B 253 -24.08 9.38 1.79
N ALA B 254 -24.28 8.43 2.71
CA ALA B 254 -25.62 8.01 3.12
C ALA B 254 -26.36 9.06 3.96
N LYS B 255 -27.64 9.32 3.65
CA LYS B 255 -28.42 10.21 4.51
C LYS B 255 -28.53 9.54 5.88
N PHE B 256 -28.85 8.24 5.90
CA PHE B 256 -28.83 7.49 7.14
C PHE B 256 -28.55 6.02 6.88
N VAL B 257 -28.34 5.26 7.95
CA VAL B 257 -28.01 3.87 7.89
C VAL B 257 -28.86 3.20 8.92
N VAL B 258 -29.26 1.97 8.60
CA VAL B 258 -29.93 1.02 9.50
C VAL B 258 -29.05 -0.22 9.48
N SER B 259 -28.72 -0.69 10.66
CA SER B 259 -27.63 -1.64 10.80
C SER B 259 -27.91 -2.60 11.90
N VAL B 260 -27.37 -3.79 11.75
CA VAL B 260 -27.22 -4.72 12.85
C VAL B 260 -25.87 -4.38 13.51
N ASP B 261 -25.61 -5.03 14.64
CA ASP B 261 -24.36 -4.89 15.38
C ASP B 261 -23.26 -5.61 14.59
N THR B 262 -22.35 -4.82 14.02
CA THR B 262 -21.39 -5.33 13.05
C THR B 262 -20.30 -4.26 12.86
N GLY B 263 -19.16 -4.71 12.35
CA GLY B 263 -18.03 -3.85 12.11
C GLY B 263 -18.38 -2.57 11.37
N LEU B 264 -19.15 -2.69 10.31
CA LEU B 264 -19.44 -1.57 9.42
C LEU B 264 -20.40 -0.57 10.08
N SER B 265 -21.16 -0.99 11.09
CA SER B 265 -21.92 -0.07 11.92
C SER B 265 -20.98 0.87 12.70
N HIS B 266 -19.88 0.32 13.23
CA HIS B 266 -18.87 1.14 13.92
C HIS B 266 -18.16 2.09 12.92
N LEU B 267 -17.94 1.62 11.71
CA LEU B 267 -17.47 2.51 10.64
C LEU B 267 -18.43 3.64 10.37
N THR B 268 -19.73 3.34 10.42
CA THR B 268 -20.76 4.34 10.21
C THR B 268 -20.67 5.39 11.29
N ALA B 269 -20.50 4.93 12.52
CA ALA B 269 -20.29 5.78 13.66
C ALA B 269 -19.06 6.64 13.52
N ALA B 270 -17.95 6.04 13.07
CA ALA B 270 -16.72 6.78 12.87
C ALA B 270 -16.86 7.91 11.86
N LEU B 271 -17.74 7.72 10.87
CA LEU B 271 -18.02 8.73 9.86
C LEU B 271 -19.16 9.68 10.23
N ASP B 272 -19.65 9.64 11.47
CA ASP B 272 -20.74 10.55 11.94
C ASP B 272 -22.06 10.48 11.17
N ARG B 273 -22.40 9.34 10.61
CA ARG B 273 -23.63 9.23 9.84
C ARG B 273 -24.71 8.84 10.77
N PRO B 274 -25.91 9.43 10.62
CA PRO B 274 -27.06 8.94 11.38
C PRO B 274 -27.28 7.42 11.12
N ASN B 275 -27.41 6.67 12.20
CA ASN B 275 -27.36 5.22 12.19
C ASN B 275 -28.33 4.73 13.24
N ILE B 276 -29.25 3.87 12.84
CA ILE B 276 -30.13 3.19 13.78
C ILE B 276 -29.59 1.77 13.81
N THR B 277 -29.06 1.35 14.96
CA THR B 277 -28.53 -0.01 15.10
C THR B 277 -29.56 -0.82 15.85
N VAL B 278 -29.85 -2.01 15.32
CA VAL B 278 -30.78 -2.90 15.96
C VAL B 278 -30.05 -3.99 16.75
N TYR B 279 -30.32 -4.01 18.06
CA TYR B 279 -29.65 -4.94 18.96
C TYR B 279 -30.62 -6.00 19.51
N GLY B 280 -30.21 -7.25 19.47
CA GLY B 280 -30.86 -8.28 20.26
C GLY B 280 -29.97 -8.83 21.36
N PRO B 281 -29.18 -9.88 21.05
CA PRO B 281 -28.43 -10.57 22.08
C PRO B 281 -27.17 -9.89 22.52
N THR B 282 -26.72 -8.84 21.84
CA THR B 282 -25.63 -8.00 22.39
C THR B 282 -26.21 -6.72 23.03
N ASP B 283 -25.58 -6.25 24.10
CA ASP B 283 -26.01 -5.11 24.88
C ASP B 283 -25.36 -3.81 24.36
N PRO B 284 -26.17 -2.86 23.88
CA PRO B 284 -25.59 -1.60 23.40
C PRO B 284 -24.97 -0.71 24.48
N GLY B 285 -25.28 -0.96 25.78
CA GLY B 285 -24.68 -0.19 26.89
C GLY B 285 -23.19 -0.54 27.01
N LEU B 286 -22.78 -1.73 26.55
CA LEU B 286 -21.37 -2.20 26.58
C LEU B 286 -20.63 -2.04 25.27
N ILE B 287 -21.26 -2.47 24.16
CA ILE B 287 -20.59 -2.56 22.85
C ILE B 287 -21.26 -1.70 21.80
N GLY B 288 -21.97 -0.67 22.25
CA GLY B 288 -22.67 0.23 21.36
C GLY B 288 -21.73 1.21 20.66
N GLY B 289 -22.29 1.87 19.65
CA GLY B 289 -21.53 2.76 18.80
C GLY B 289 -21.30 4.06 19.54
N TYR B 290 -20.17 4.70 19.26
CA TYR B 290 -19.78 5.98 19.85
C TYR B 290 -19.65 6.97 18.72
N GLY B 291 -20.34 8.10 18.83
CA GLY B 291 -20.35 9.10 17.78
C GLY B 291 -21.59 9.97 17.82
N LYS B 292 -21.71 10.80 16.79
CA LYS B 292 -22.89 11.64 16.59
C LYS B 292 -23.96 10.84 15.84
N ASN B 293 -25.18 10.96 16.35
CA ASN B 293 -26.37 10.46 15.72
C ASN B 293 -26.38 8.95 15.65
N GLN B 294 -25.87 8.29 16.69
CA GLN B 294 -25.93 6.82 16.77
C GLN B 294 -27.11 6.50 17.64
N MET B 295 -28.12 5.87 17.05
CA MET B 295 -29.36 5.63 17.75
C MET B 295 -29.51 4.14 17.99
N VAL B 296 -30.18 3.80 19.10
CA VAL B 296 -30.19 2.49 19.66
C VAL B 296 -31.62 1.99 19.63
N CYS B 297 -31.87 0.89 18.93
CA CYS B 297 -33.18 0.24 18.91
C CYS B 297 -33.03 -1.16 19.49
N ARG B 298 -33.64 -1.35 20.64
CA ARG B 298 -33.61 -2.62 21.41
C ARG B 298 -34.74 -3.55 20.99
N ALA B 299 -34.41 -4.73 20.50
CA ALA B 299 -35.42 -5.69 20.10
C ALA B 299 -36.13 -6.19 21.37
N PRO B 300 -37.47 -6.29 21.34
CA PRO B 300 -38.16 -6.83 22.52
C PRO B 300 -37.62 -8.22 22.91
N GLY B 301 -37.53 -8.46 24.23
CA GLY B 301 -36.95 -9.66 24.79
C GLY B 301 -35.55 -10.02 24.33
N ASN B 302 -34.79 -9.02 23.85
CA ASN B 302 -33.48 -9.21 23.20
C ASN B 302 -33.47 -10.19 21.98
N GLU B 303 -34.60 -10.30 21.28
CA GLU B 303 -34.73 -11.28 20.18
C GLU B 303 -35.14 -10.50 18.95
N LEU B 304 -34.33 -10.58 17.91
CA LEU B 304 -34.50 -9.72 16.74
C LEU B 304 -35.75 -10.09 15.94
N SER B 305 -36.10 -11.38 15.93
CA SER B 305 -37.37 -11.84 15.34
C SER B 305 -38.62 -11.13 15.88
N GLN B 306 -38.54 -10.66 17.13
CA GLN B 306 -39.65 -9.91 17.74
C GLN B 306 -39.72 -8.43 17.39
N LEU B 307 -38.67 -7.89 16.74
CA LEU B 307 -38.64 -6.47 16.33
C LEU B 307 -39.21 -6.33 14.92
N THR B 308 -40.34 -5.63 14.81
CA THR B 308 -41.05 -5.49 13.54
C THR B 308 -40.48 -4.38 12.71
N ALA B 309 -40.73 -4.48 11.40
CA ALA B 309 -40.36 -3.45 10.46
C ALA B 309 -41.05 -2.13 10.76
N ASN B 310 -42.33 -2.22 11.12
CA ASN B 310 -43.08 -1.05 11.57
C ASN B 310 -42.46 -0.33 12.74
N ALA B 311 -41.97 -1.08 13.72
CA ALA B 311 -41.37 -0.47 14.92
C ALA B 311 -40.12 0.31 14.53
N VAL B 312 -39.33 -0.24 13.58
CA VAL B 312 -38.11 0.39 13.11
C VAL B 312 -38.41 1.66 12.28
N LYS B 313 -39.37 1.56 11.35
CA LYS B 313 -39.81 2.72 10.58
C LYS B 313 -40.26 3.83 11.50
N GLN B 314 -41.08 3.49 12.49
CA GLN B 314 -41.55 4.48 13.45
C GLN B 314 -40.40 5.09 14.27
N PHE B 315 -39.41 4.26 14.61
CA PHE B 315 -38.23 4.72 15.33
C PHE B 315 -37.48 5.73 14.50
N ILE B 316 -37.30 5.43 13.20
CA ILE B 316 -36.71 6.41 12.24
C ILE B 316 -37.49 7.73 12.20
N GLU B 317 -38.81 7.63 12.08
CA GLU B 317 -39.69 8.79 12.05
C GLU B 317 -39.59 9.61 13.32
N GLU B 318 -39.80 8.97 14.49
CA GLU B 318 -39.62 9.67 15.79
C GLU B 318 -38.27 10.37 15.96
N ASN B 319 -37.21 9.77 15.42
CA ASN B 319 -35.87 10.36 15.56
C ASN B 319 -35.63 11.53 14.60
N ALA B 320 -36.07 11.41 13.35
CA ALA B 320 -36.01 12.56 12.44
C ALA B 320 -36.75 13.81 13.01
N GLU B 321 -37.94 13.58 13.56
CA GLU B 321 -38.71 14.57 14.33
C GLU B 321 -37.94 15.20 15.47
N LYS B 322 -37.48 14.40 16.44
CA LYS B 322 -36.71 14.91 17.61
C LYS B 322 -35.54 15.81 17.17
N ALA B 323 -34.88 15.46 16.05
CA ALA B 323 -33.83 16.28 15.40
C ALA B 323 -34.24 17.74 14.99
N ALA B 324 -35.53 18.00 14.76
CA ALA B 324 -36.07 19.37 14.58
C ALA B 324 -36.78 19.86 15.86
N VAL B 325 -35.95 20.17 16.88
CA VAL B 325 -36.33 20.41 18.31
C VAL B 325 -37.82 20.61 18.66
#